data_4GN8
#
_entry.id   4GN8
#
_cell.length_a   102.587
_cell.length_b   102.587
_cell.length_c   149.706
_cell.angle_alpha   90.00
_cell.angle_beta   90.00
_cell.angle_gamma   120.00
#
_symmetry.space_group_name_H-M   'P 31 2 1'
#
loop_
_entity.id
_entity.type
_entity.pdbx_description
1 polymer Regucalcin
2 non-polymer 'CALCIUM ION'
3 non-polymer 'SULFATE ION'
4 non-polymer 1,5-anhydro-D-glucitol
5 water water
#
_entity_poly.entity_id   1
_entity_poly.type   'polypeptide(L)'
_entity_poly.pdbx_seq_one_letter_code
;MSSIKVECVLRENYRCGESPVWEEASQSLLFVDIPSKIICRWDTVSNQVQRVAVDAPVSSVALRQLGGYVATIGTKFCAL
NWENQSVFVLAMVDEDKKNNRFNDGKVDPAGRYFAGTMAEETAPAVLERHQGSLYSLFPDHSVKKYFDQVDISNGLDWSL
DHKIFYYIDSLSYTVDAFDYDLQTGQISNRRIVYKMEKDEQIPDGMCIDAEGKLWVACYNGGRVIRLDPETGKRLQTVKL
PVDKTTSCCFGGKDYSEMYVTCARDGLNAEGLLRQPDAGNIFKITGLGVKGIAPYSYAG
;
_entity_poly.pdbx_strand_id   A,B
#
loop_
_chem_comp.id
_chem_comp.type
_chem_comp.name
_chem_comp.formula
ASO D-saccharide 1,5-anhydro-D-glucitol 'C6 H12 O5'
CA non-polymer 'CALCIUM ION' 'Ca 2'
SO4 non-polymer 'SULFATE ION' 'O4 S -2'
#
# COMPACT_ATOMS: atom_id res chain seq x y z
N SER A 3 19.53 -25.11 15.15
CA SER A 3 18.45 -25.78 14.47
C SER A 3 17.30 -24.83 14.09
N ILE A 4 16.81 -24.04 15.06
CA ILE A 4 15.79 -23.04 14.73
C ILE A 4 16.41 -21.94 13.87
N LYS A 5 15.80 -21.69 12.72
CA LYS A 5 16.30 -20.64 11.83
C LYS A 5 15.17 -19.68 11.50
N VAL A 6 15.45 -18.38 11.59
CA VAL A 6 14.48 -17.35 11.22
C VAL A 6 14.99 -16.66 9.97
N GLU A 7 14.19 -16.66 8.91
CA GLU A 7 14.63 -16.09 7.65
C GLU A 7 13.57 -15.17 7.05
N CYS A 8 13.99 -14.02 6.53
CA CYS A 8 13.07 -13.15 5.83
C CYS A 8 12.96 -13.64 4.38
N VAL A 9 11.78 -14.14 4.01
CA VAL A 9 11.63 -14.85 2.73
C VAL A 9 10.87 -14.11 1.63
N LEU A 10 10.13 -13.05 1.99
CA LEU A 10 9.43 -12.23 0.99
C LEU A 10 9.58 -10.75 1.35
N ARG A 11 10.35 -10.04 0.54
CA ARG A 11 10.70 -8.66 0.89
C ARG A 11 9.90 -7.64 0.08
N GLU A 12 8.66 -7.42 0.48
CA GLU A 12 7.77 -6.53 -0.25
C GLU A 12 7.29 -5.34 0.59
N ASN A 13 7.73 -5.28 1.84
CA ASN A 13 7.43 -4.13 2.72
C ASN A 13 5.93 -3.81 2.86
N TYR A 14 5.13 -4.77 3.29
CA TYR A 14 3.72 -4.51 3.49
C TYR A 14 3.50 -3.58 4.67
N ARG A 15 2.43 -2.80 4.62
CA ARG A 15 2.17 -1.86 5.71
C ARG A 15 1.69 -2.59 6.96
N CYS A 16 0.75 -3.52 6.78
CA CYS A 16 0.35 -4.41 7.87
C CYS A 16 -0.04 -5.78 7.34
N GLY A 17 0.95 -6.65 7.17
CA GLY A 17 0.70 -8.01 6.70
C GLY A 17 -0.08 -8.76 7.77
N GLU A 18 -1.06 -9.55 7.36
CA GLU A 18 -1.91 -10.26 8.32
C GLU A 18 -2.50 -11.51 7.67
N SER A 19 -3.14 -12.35 8.49
CA SER A 19 -3.89 -13.52 8.01
C SER A 19 -3.16 -14.46 7.05
N PRO A 20 -1.95 -14.91 7.42
CA PRO A 20 -1.29 -15.89 6.56
C PRO A 20 -2.01 -17.22 6.57
N VAL A 21 -2.26 -17.76 5.38
CA VAL A 21 -2.76 -19.13 5.28
C VAL A 21 -2.12 -19.90 4.14
N TRP A 22 -1.72 -21.13 4.43
CA TRP A 22 -1.02 -21.95 3.47
C TRP A 22 -2.00 -22.69 2.56
N GLU A 23 -1.82 -22.55 1.24
CA GLU A 23 -2.62 -23.32 0.29
C GLU A 23 -1.72 -24.38 -0.35
N GLU A 24 -1.84 -25.61 0.13
CA GLU A 24 -0.92 -26.65 -0.31
C GLU A 24 -1.14 -27.02 -1.78
N ALA A 25 -2.37 -26.85 -2.26
CA ALA A 25 -2.70 -27.21 -3.64
C ALA A 25 -1.88 -26.41 -4.65
N SER A 26 -1.54 -25.19 -4.28
CA SER A 26 -0.77 -24.31 -5.16
C SER A 26 0.61 -23.99 -4.63
N GLN A 27 0.94 -24.56 -3.47
CA GLN A 27 2.17 -24.24 -2.74
C GLN A 27 2.32 -22.74 -2.60
N SER A 28 1.25 -22.08 -2.21
CA SER A 28 1.24 -20.64 -2.10
C SER A 28 0.84 -20.19 -0.70
N LEU A 29 1.35 -19.03 -0.29
CA LEU A 29 0.89 -18.40 0.94
C LEU A 29 -0.09 -17.28 0.59
N LEU A 30 -1.29 -17.35 1.15
CA LEU A 30 -2.22 -16.24 1.02
C LEU A 30 -2.11 -15.36 2.25
N PHE A 31 -2.34 -14.08 2.07
CA PHE A 31 -2.34 -13.14 3.20
C PHE A 31 -2.94 -11.82 2.74
N VAL A 32 -3.03 -10.85 3.65
CA VAL A 32 -3.55 -9.55 3.29
C VAL A 32 -2.58 -8.47 3.75
N ASP A 33 -2.69 -7.29 3.14
CA ASP A 33 -2.05 -6.10 3.68
C ASP A 33 -3.17 -5.12 3.96
N ILE A 34 -3.56 -5.03 5.23
CA ILE A 34 -4.84 -4.40 5.59
C ILE A 34 -5.10 -3.00 5.01
N PRO A 35 -4.23 -2.02 5.35
CA PRO A 35 -4.53 -0.67 4.86
C PRO A 35 -4.24 -0.52 3.38
N SER A 36 -3.48 -1.45 2.80
CA SER A 36 -3.16 -1.37 1.39
C SER A 36 -4.29 -1.94 0.53
N LYS A 37 -5.31 -2.49 1.18
CA LYS A 37 -6.51 -2.96 0.47
C LYS A 37 -6.17 -4.00 -0.60
N ILE A 38 -5.30 -4.94 -0.26
CA ILE A 38 -4.95 -6.03 -1.19
C ILE A 38 -4.97 -7.39 -0.53
N ILE A 39 -5.51 -8.36 -1.26
CA ILE A 39 -5.36 -9.78 -0.92
C ILE A 39 -4.20 -10.31 -1.77
N CYS A 40 -3.25 -10.96 -1.12
CA CYS A 40 -2.03 -11.41 -1.80
C CYS A 40 -1.93 -12.92 -1.86
N ARG A 41 -1.43 -13.41 -2.98
CA ARG A 41 -1.12 -14.83 -3.14
C ARG A 41 0.31 -14.99 -3.64
N TRP A 42 1.18 -15.50 -2.77
CA TRP A 42 2.59 -15.66 -3.09
C TRP A 42 2.88 -17.11 -3.46
N ASP A 43 3.19 -17.36 -4.74
CA ASP A 43 3.60 -18.68 -5.22
C ASP A 43 5.04 -18.92 -4.78
N THR A 44 5.25 -19.84 -3.86
CA THR A 44 6.59 -20.03 -3.29
C THR A 44 7.53 -20.77 -4.22
N VAL A 45 6.96 -21.40 -5.26
CA VAL A 45 7.79 -22.10 -6.24
C VAL A 45 8.37 -21.15 -7.28
N SER A 46 7.49 -20.40 -7.95
CA SER A 46 7.91 -19.43 -8.95
C SER A 46 8.40 -18.14 -8.30
N ASN A 47 8.12 -18.01 -7.01
CA ASN A 47 8.43 -16.79 -6.26
C ASN A 47 7.79 -15.55 -6.86
N GLN A 48 6.52 -15.67 -7.25
CA GLN A 48 5.78 -14.54 -7.80
C GLN A 48 4.58 -14.22 -6.91
N VAL A 49 4.28 -12.93 -6.75
CA VAL A 49 3.13 -12.50 -5.95
C VAL A 49 2.05 -11.93 -6.85
N GLN A 50 0.82 -12.40 -6.67
CA GLN A 50 -0.32 -11.83 -7.37
C GLN A 50 -1.22 -11.16 -6.32
N ARG A 51 -1.84 -10.05 -6.69
CA ARG A 51 -2.65 -9.30 -5.75
C ARG A 51 -4.02 -9.01 -6.31
N VAL A 52 -5.04 -9.11 -5.45
CA VAL A 52 -6.36 -8.63 -5.79
C VAL A 52 -6.67 -7.37 -4.99
N ALA A 53 -6.80 -6.24 -5.68
CA ALA A 53 -7.14 -5.00 -5.01
C ALA A 53 -8.63 -5.00 -4.65
N VAL A 54 -8.94 -4.47 -3.47
CA VAL A 54 -10.32 -4.40 -2.99
C VAL A 54 -10.61 -2.97 -2.53
N ASP A 55 -11.88 -2.64 -2.29
CA ASP A 55 -12.23 -1.23 -2.14
C ASP A 55 -12.33 -0.71 -0.71
N ALA A 56 -11.93 -1.54 0.24
CA ALA A 56 -11.92 -1.17 1.65
C ALA A 56 -10.82 -2.00 2.32
N PRO A 57 -10.38 -1.61 3.52
CA PRO A 57 -9.37 -2.44 4.20
C PRO A 57 -9.81 -3.90 4.29
N VAL A 58 -8.89 -4.82 4.04
CA VAL A 58 -9.21 -6.24 4.04
C VAL A 58 -8.37 -6.91 5.13
N SER A 59 -9.03 -7.61 6.05
CA SER A 59 -8.35 -8.02 7.28
C SER A 59 -8.07 -9.52 7.37
N SER A 60 -8.74 -10.33 6.56
CA SER A 60 -8.45 -11.77 6.57
C SER A 60 -8.86 -12.40 5.24
N VAL A 61 -8.31 -13.57 4.95
CA VAL A 61 -8.60 -14.33 3.74
C VAL A 61 -8.61 -15.80 4.14
N ALA A 62 -9.45 -16.60 3.49
CA ALA A 62 -9.45 -18.03 3.72
C ALA A 62 -9.74 -18.76 2.42
N LEU A 63 -9.42 -20.05 2.40
CA LEU A 63 -9.72 -20.89 1.26
C LEU A 63 -11.23 -21.16 1.22
N ARG A 64 -11.79 -21.24 0.01
CA ARG A 64 -13.19 -21.60 -0.20
C ARG A 64 -13.23 -22.99 -0.83
N GLN A 65 -13.87 -23.92 -0.16
CA GLN A 65 -13.83 -25.33 -0.57
C GLN A 65 -14.27 -25.53 -2.01
N LEU A 66 -15.36 -24.90 -2.42
CA LEU A 66 -15.91 -25.14 -3.77
C LEU A 66 -15.07 -24.48 -4.87
N GLY A 67 -14.10 -23.65 -4.48
CA GLY A 67 -13.25 -22.97 -5.42
C GLY A 67 -13.00 -21.52 -5.03
N GLY A 68 -11.78 -21.04 -5.27
CA GLY A 68 -11.49 -19.66 -4.95
C GLY A 68 -11.30 -19.42 -3.47
N TYR A 69 -11.71 -18.24 -3.03
CA TYR A 69 -11.38 -17.75 -1.70
C TYR A 69 -12.50 -16.96 -1.11
N VAL A 70 -12.29 -16.52 0.11
N VAL A 70 -12.45 -16.78 0.21
CA VAL A 70 -13.31 -15.84 0.84
CA VAL A 70 -13.34 -15.83 0.87
C VAL A 70 -12.53 -14.89 1.76
C VAL A 70 -12.49 -14.83 1.65
N ALA A 71 -13.10 -13.72 2.04
CA ALA A 71 -12.36 -12.66 2.73
C ALA A 71 -13.24 -11.74 3.52
N THR A 72 -12.65 -11.04 4.49
CA THR A 72 -13.37 -10.04 5.26
C THR A 72 -12.90 -8.66 4.83
N ILE A 73 -13.76 -7.94 4.12
CA ILE A 73 -13.44 -6.64 3.55
C ILE A 73 -14.39 -5.63 4.18
N GLY A 74 -13.85 -4.62 4.88
CA GLY A 74 -14.68 -3.73 5.65
C GLY A 74 -15.43 -4.53 6.69
N THR A 75 -16.76 -4.43 6.71
CA THR A 75 -17.57 -5.27 7.57
C THR A 75 -18.39 -6.30 6.78
N LYS A 76 -17.85 -6.73 5.64
CA LYS A 76 -18.56 -7.72 4.82
C LYS A 76 -17.77 -9.01 4.64
N PHE A 77 -18.45 -10.14 4.77
CA PHE A 77 -17.91 -11.42 4.32
C PHE A 77 -18.04 -11.46 2.79
N CYS A 78 -16.93 -11.66 2.09
CA CYS A 78 -16.96 -11.66 0.62
C CYS A 78 -16.39 -12.92 0.02
N ALA A 79 -16.82 -13.23 -1.19
CA ALA A 79 -16.28 -14.36 -1.94
C ALA A 79 -15.49 -13.83 -3.12
N LEU A 80 -14.42 -14.54 -3.48
CA LEU A 80 -13.52 -14.11 -4.54
C LEU A 80 -13.33 -15.25 -5.55
N ASN A 81 -13.61 -14.98 -6.82
CA ASN A 81 -13.21 -15.89 -7.88
C ASN A 81 -11.89 -15.35 -8.44
N TRP A 82 -10.80 -16.10 -8.28
CA TRP A 82 -9.48 -15.56 -8.67
C TRP A 82 -9.35 -15.43 -10.19
N GLU A 83 -9.94 -16.37 -10.93
CA GLU A 83 -9.85 -16.36 -12.40
C GLU A 83 -10.33 -15.03 -12.97
N ASN A 84 -11.47 -14.53 -12.49
CA ASN A 84 -12.03 -13.28 -13.01
C ASN A 84 -11.80 -12.08 -12.09
N GLN A 85 -11.10 -12.29 -10.97
CA GLN A 85 -10.90 -11.26 -9.95
C GLN A 85 -12.24 -10.68 -9.47
N SER A 86 -13.27 -11.52 -9.49
N SER A 86 -13.28 -11.49 -9.48
CA SER A 86 -14.61 -11.10 -9.12
CA SER A 86 -14.59 -11.00 -9.09
C SER A 86 -14.75 -11.26 -7.61
C SER A 86 -14.78 -11.18 -7.58
N VAL A 87 -15.14 -10.18 -6.94
N VAL A 87 -15.27 -10.13 -6.94
CA VAL A 87 -15.43 -10.28 -5.51
CA VAL A 87 -15.44 -10.11 -5.50
C VAL A 87 -16.83 -9.77 -5.22
C VAL A 87 -16.88 -9.74 -5.23
N PHE A 88 -17.61 -10.59 -4.51
CA PHE A 88 -18.98 -10.26 -4.17
C PHE A 88 -19.34 -10.56 -2.71
N VAL A 89 -20.33 -9.83 -2.21
CA VAL A 89 -20.71 -9.92 -0.81
C VAL A 89 -21.58 -11.14 -0.51
N LEU A 90 -21.16 -11.90 0.49
CA LEU A 90 -21.95 -13.04 0.98
C LEU A 90 -22.84 -12.63 2.15
N ALA A 91 -22.33 -11.74 3.01
CA ALA A 91 -23.08 -11.29 4.17
C ALA A 91 -22.43 -10.03 4.77
N MET A 92 -23.22 -9.24 5.49
CA MET A 92 -22.72 -8.01 6.11
C MET A 92 -22.95 -8.04 7.62
N VAL A 93 -22.06 -7.41 8.39
CA VAL A 93 -22.25 -7.32 9.84
C VAL A 93 -22.06 -5.89 10.34
N ASP A 94 -22.37 -5.66 11.62
CA ASP A 94 -22.18 -4.37 12.27
C ASP A 94 -22.80 -3.22 11.46
N GLU A 95 -23.99 -3.44 10.93
CA GLU A 95 -24.61 -2.41 10.09
C GLU A 95 -25.01 -1.18 10.89
N ASP A 96 -25.08 -1.34 12.21
CA ASP A 96 -25.44 -0.25 13.12
C ASP A 96 -24.22 0.51 13.62
N LYS A 97 -23.03 0.13 13.16
CA LYS A 97 -21.80 0.80 13.56
C LYS A 97 -21.30 1.73 12.46
N LYS A 98 -20.91 2.94 12.87
CA LYS A 98 -20.42 3.95 11.94
C LYS A 98 -19.05 3.62 11.38
N ASN A 99 -18.18 3.13 12.25
CA ASN A 99 -16.75 3.15 12.00
C ASN A 99 -16.07 1.86 12.46
N ASN A 100 -16.63 0.70 12.09
CA ASN A 100 -16.05 -0.59 12.43
C ASN A 100 -15.42 -1.27 11.21
N ARG A 101 -14.61 -2.29 11.48
CA ARG A 101 -14.13 -3.19 10.44
C ARG A 101 -13.90 -4.57 11.03
N PHE A 102 -13.93 -5.59 10.17
CA PHE A 102 -13.49 -6.91 10.56
C PHE A 102 -12.00 -6.84 10.88
N ASN A 103 -11.56 -7.75 11.74
CA ASN A 103 -10.13 -8.02 11.89
C ASN A 103 -9.85 -9.50 11.60
N ASP A 104 -9.28 -10.24 12.54
CA ASP A 104 -8.86 -11.59 12.21
C ASP A 104 -10.03 -12.58 12.03
N GLY A 105 -9.81 -13.58 11.19
CA GLY A 105 -10.79 -14.63 10.94
C GLY A 105 -10.13 -15.93 10.51
N LYS A 106 -10.84 -17.05 10.65
CA LYS A 106 -10.28 -18.34 10.29
C LYS A 106 -11.48 -19.26 10.16
N VAL A 107 -11.38 -20.31 9.36
N VAL A 107 -11.31 -20.34 9.39
CA VAL A 107 -12.52 -21.21 9.29
CA VAL A 107 -12.37 -21.32 9.18
C VAL A 107 -12.37 -22.43 10.19
C VAL A 107 -12.33 -22.44 10.23
N ASP A 108 -13.47 -22.77 10.84
CA ASP A 108 -13.53 -23.83 11.84
C ASP A 108 -13.51 -25.23 11.19
N PRO A 109 -13.43 -26.30 12.00
CA PRO A 109 -13.32 -27.63 11.40
C PRO A 109 -14.58 -28.13 10.66
N ALA A 110 -15.65 -27.35 10.67
CA ALA A 110 -16.88 -27.70 9.95
C ALA A 110 -17.10 -26.76 8.76
N GLY A 111 -16.09 -25.96 8.43
CA GLY A 111 -16.23 -25.05 7.30
C GLY A 111 -16.96 -23.74 7.52
N ARG A 112 -17.08 -23.29 8.78
CA ARG A 112 -17.70 -21.99 9.07
C ARG A 112 -16.60 -20.94 9.18
N TYR A 113 -16.81 -19.77 8.60
CA TYR A 113 -15.80 -18.71 8.62
C TYR A 113 -16.03 -17.79 9.82
N PHE A 114 -15.25 -18.00 10.89
CA PHE A 114 -15.31 -17.16 12.07
C PHE A 114 -14.50 -15.90 11.80
N ALA A 115 -15.04 -14.74 12.17
CA ALA A 115 -14.31 -13.47 12.09
C ALA A 115 -14.95 -12.47 13.01
N GLY A 116 -14.13 -11.64 13.65
CA GLY A 116 -14.65 -10.65 14.57
C GLY A 116 -14.31 -9.24 14.15
N THR A 117 -14.96 -8.27 14.77
CA THR A 117 -14.78 -6.89 14.37
C THR A 117 -14.12 -6.04 15.45
N MET A 118 -13.96 -4.76 15.14
CA MET A 118 -13.32 -3.78 16.00
C MET A 118 -13.72 -2.38 15.54
N ALA A 119 -13.66 -1.39 16.42
CA ALA A 119 -13.76 -0.01 15.96
C ALA A 119 -12.53 0.28 15.12
N GLU A 120 -12.64 1.15 14.12
CA GLU A 120 -11.46 1.48 13.34
C GLU A 120 -10.49 2.33 14.16
N GLU A 121 -9.19 2.05 13.98
CA GLU A 121 -8.14 2.74 14.72
C GLU A 121 -7.73 4.05 14.07
N THR A 122 -7.23 4.98 14.86
CA THR A 122 -6.55 6.15 14.30
C THR A 122 -5.03 5.99 14.41
N ALA A 123 -4.62 5.09 15.29
CA ALA A 123 -3.21 4.69 15.45
C ALA A 123 -3.24 3.31 16.11
N PRO A 124 -2.11 2.59 16.16
CA PRO A 124 -2.19 1.24 16.73
C PRO A 124 -2.78 1.19 18.15
N ALA A 125 -3.84 0.42 18.32
CA ALA A 125 -4.56 0.29 19.59
C ALA A 125 -5.15 1.60 20.12
N VAL A 126 -5.35 2.56 19.24
CA VAL A 126 -6.00 3.80 19.62
C VAL A 126 -7.34 3.85 18.90
N LEU A 127 -8.41 3.60 19.66
CA LEU A 127 -9.72 3.40 19.07
C LEU A 127 -10.78 3.47 20.16
N GLU A 128 -12.04 3.51 19.74
CA GLU A 128 -13.15 3.42 20.66
C GLU A 128 -13.24 2.00 21.22
N ARG A 129 -13.41 1.87 22.54
CA ARG A 129 -13.37 0.55 23.16
C ARG A 129 -14.68 -0.24 23.03
N HIS A 130 -14.52 -1.56 23.02
CA HIS A 130 -15.64 -2.50 23.14
C HIS A 130 -16.68 -2.39 22.03
N GLN A 131 -16.24 -2.08 20.82
CA GLN A 131 -17.18 -1.88 19.70
C GLN A 131 -17.35 -3.11 18.82
N GLY A 132 -16.48 -4.11 19.02
CA GLY A 132 -16.47 -5.28 18.16
C GLY A 132 -17.33 -6.41 18.65
N SER A 133 -17.58 -7.39 17.77
CA SER A 133 -18.23 -8.63 18.16
C SER A 133 -17.60 -9.78 17.40
N LEU A 134 -17.80 -11.02 17.87
CA LEU A 134 -17.35 -12.18 17.11
C LEU A 134 -18.54 -12.78 16.34
N TYR A 135 -18.34 -13.04 15.05
CA TYR A 135 -19.37 -13.63 14.20
C TYR A 135 -18.85 -14.92 13.55
N SER A 136 -19.75 -15.73 13.01
CA SER A 136 -19.30 -16.74 12.05
C SER A 136 -20.26 -16.80 10.87
N LEU A 137 -19.67 -17.01 9.70
CA LEU A 137 -20.44 -17.18 8.47
C LEU A 137 -20.66 -18.67 8.27
N PHE A 138 -21.92 -19.10 8.30
CA PHE A 138 -22.26 -20.51 8.15
C PHE A 138 -22.25 -20.91 6.67
N PRO A 139 -22.21 -22.22 6.36
CA PRO A 139 -22.17 -22.66 4.97
C PRO A 139 -23.35 -22.18 4.11
N ASP A 140 -24.49 -21.90 4.74
CA ASP A 140 -25.66 -21.39 4.01
C ASP A 140 -25.67 -19.87 3.85
N HIS A 141 -24.57 -19.23 4.26
CA HIS A 141 -24.36 -17.78 4.18
C HIS A 141 -25.09 -16.97 5.24
N SER A 142 -25.73 -17.63 6.21
CA SER A 142 -26.26 -16.94 7.38
C SER A 142 -25.11 -16.64 8.32
N VAL A 143 -25.33 -15.66 9.21
CA VAL A 143 -24.30 -15.23 10.16
C VAL A 143 -24.81 -15.41 11.58
N LYS A 144 -23.97 -15.98 12.44
CA LYS A 144 -24.24 -16.12 13.85
C LYS A 144 -23.45 -15.04 14.58
N LYS A 145 -24.08 -14.35 15.53
CA LYS A 145 -23.35 -13.42 16.40
C LYS A 145 -23.10 -14.05 17.78
N TYR A 146 -21.85 -14.08 18.22
CA TYR A 146 -21.48 -14.84 19.42
C TYR A 146 -21.43 -14.05 20.73
N PHE A 147 -20.66 -12.97 20.74
CA PHE A 147 -20.57 -12.07 21.88
C PHE A 147 -20.13 -10.71 21.37
N ASP A 148 -20.42 -9.66 22.13
CA ASP A 148 -20.01 -8.31 21.79
C ASP A 148 -19.00 -7.77 22.81
N GLN A 149 -18.85 -6.45 22.86
CA GLN A 149 -17.94 -5.77 23.79
C GLN A 149 -16.47 -6.11 23.53
N VAL A 150 -16.16 -6.48 22.29
CA VAL A 150 -14.79 -6.81 21.90
C VAL A 150 -13.98 -5.55 21.57
N ASP A 151 -12.76 -5.44 22.09
CA ASP A 151 -11.92 -4.30 21.73
C ASP A 151 -11.34 -4.49 20.34
N ILE A 152 -10.51 -5.52 20.19
CA ILE A 152 -9.90 -5.84 18.89
C ILE A 152 -9.94 -7.35 18.68
N SER A 153 -10.86 -7.84 17.84
CA SER A 153 -10.98 -9.26 17.66
C SER A 153 -9.74 -9.77 16.94
N ASN A 154 -9.11 -10.83 17.48
CA ASN A 154 -7.87 -11.29 16.89
C ASN A 154 -7.73 -12.80 16.80
N GLY A 155 -6.56 -13.34 17.15
CA GLY A 155 -6.23 -14.72 16.82
C GLY A 155 -7.21 -15.74 17.36
N LEU A 156 -7.35 -16.85 16.65
CA LEU A 156 -8.34 -17.86 16.99
C LEU A 156 -7.99 -19.20 16.38
N ASP A 157 -8.36 -20.29 17.06
CA ASP A 157 -8.18 -21.61 16.50
C ASP A 157 -8.98 -22.61 17.32
N TRP A 158 -8.89 -23.88 16.97
CA TRP A 158 -9.69 -24.95 17.57
C TRP A 158 -8.82 -26.11 17.99
N SER A 159 -9.13 -26.69 19.15
CA SER A 159 -8.42 -27.87 19.63
C SER A 159 -8.55 -29.01 18.63
N LEU A 160 -7.61 -29.95 18.72
N LEU A 160 -7.61 -29.95 18.70
CA LEU A 160 -7.54 -31.05 17.76
CA LEU A 160 -7.56 -31.03 17.72
C LEU A 160 -8.68 -32.04 17.91
C LEU A 160 -8.70 -32.03 17.90
N ASP A 161 -9.28 -32.08 19.11
CA ASP A 161 -10.45 -32.94 19.33
C ASP A 161 -11.76 -32.21 18.98
N HIS A 162 -11.61 -30.98 18.50
CA HIS A 162 -12.73 -30.14 18.08
C HIS A 162 -13.78 -29.82 19.15
N LYS A 163 -13.36 -29.83 20.42
CA LYS A 163 -14.25 -29.50 21.52
C LYS A 163 -13.94 -28.17 22.20
N ILE A 164 -12.82 -27.54 21.82
CA ILE A 164 -12.43 -26.29 22.43
C ILE A 164 -12.14 -25.23 21.36
N PHE A 165 -12.61 -24.02 21.60
CA PHE A 165 -12.37 -22.85 20.74
C PHE A 165 -11.47 -21.88 21.48
N TYR A 166 -10.33 -21.54 20.88
CA TYR A 166 -9.41 -20.57 21.49
C TYR A 166 -9.54 -19.21 20.83
N TYR A 167 -9.45 -18.15 21.62
CA TYR A 167 -9.79 -16.81 21.12
C TYR A 167 -9.03 -15.68 21.81
N ILE A 168 -8.55 -14.74 21.00
CA ILE A 168 -7.87 -13.54 21.50
C ILE A 168 -8.63 -12.25 21.16
N ASP A 169 -9.02 -11.49 22.18
CA ASP A 169 -9.32 -10.07 22.03
C ASP A 169 -8.02 -9.43 22.47
N SER A 170 -7.34 -8.76 21.53
CA SER A 170 -5.98 -8.26 21.75
C SER A 170 -5.81 -7.41 23.00
N LEU A 171 -6.77 -6.52 23.25
CA LEU A 171 -6.62 -5.58 24.36
C LEU A 171 -7.06 -6.15 25.71
N SER A 172 -7.46 -7.42 25.73
CA SER A 172 -7.67 -8.14 26.98
C SER A 172 -6.35 -8.68 27.53
N TYR A 173 -5.32 -8.74 26.69
CA TYR A 173 -4.03 -9.32 27.06
C TYR A 173 -4.11 -10.76 27.57
N THR A 174 -5.11 -11.50 27.09
CA THR A 174 -5.24 -12.92 27.43
C THR A 174 -5.63 -13.73 26.22
N VAL A 175 -5.26 -15.01 26.25
CA VAL A 175 -5.80 -16.01 25.33
C VAL A 175 -6.91 -16.72 26.10
N ASP A 176 -8.11 -16.76 25.53
CA ASP A 176 -9.25 -17.37 26.21
C ASP A 176 -9.67 -18.67 25.54
N ALA A 177 -10.46 -19.49 26.23
CA ALA A 177 -11.02 -20.69 25.64
C ALA A 177 -12.51 -20.79 25.91
N PHE A 178 -13.20 -21.50 25.04
CA PHE A 178 -14.64 -21.76 25.17
C PHE A 178 -14.84 -23.24 24.89
N ASP A 179 -15.90 -23.81 25.45
CA ASP A 179 -16.34 -25.10 24.96
C ASP A 179 -16.96 -24.85 23.59
N TYR A 180 -16.76 -25.78 22.67
CA TYR A 180 -17.18 -25.63 21.29
C TYR A 180 -17.83 -26.92 20.77
N ASP A 181 -19.00 -26.78 20.14
CA ASP A 181 -19.68 -27.94 19.56
C ASP A 181 -19.55 -27.93 18.05
N LEU A 182 -18.89 -28.96 17.53
CA LEU A 182 -18.56 -29.05 16.11
C LEU A 182 -19.79 -29.03 15.21
N GLN A 183 -20.81 -29.81 15.57
CA GLN A 183 -21.98 -29.95 14.70
C GLN A 183 -22.85 -28.70 14.59
N THR A 184 -22.83 -27.84 15.60
CA THR A 184 -23.67 -26.65 15.61
C THR A 184 -22.90 -25.33 15.54
N GLY A 185 -21.61 -25.37 15.84
CA GLY A 185 -20.83 -24.14 15.91
C GLY A 185 -21.11 -23.27 17.13
N GLN A 186 -21.75 -23.84 18.14
CA GLN A 186 -22.03 -23.10 19.37
C GLN A 186 -20.80 -23.07 20.29
N ILE A 187 -20.68 -22.01 21.08
CA ILE A 187 -19.63 -21.94 22.09
C ILE A 187 -20.21 -21.63 23.46
N SER A 188 -19.44 -21.93 24.49
CA SER A 188 -19.93 -21.79 25.86
C SER A 188 -18.78 -21.64 26.84
N ASN A 189 -19.06 -20.90 27.92
CA ASN A 189 -18.21 -20.81 29.11
C ASN A 189 -16.79 -20.31 28.90
N ARG A 190 -16.69 -19.04 28.57
CA ARG A 190 -15.41 -18.39 28.33
C ARG A 190 -14.55 -18.44 29.59
N ARG A 191 -13.28 -18.76 29.42
CA ARG A 191 -12.33 -18.70 30.53
C ARG A 191 -10.96 -18.26 30.00
N ILE A 192 -10.15 -17.69 30.88
CA ILE A 192 -8.78 -17.29 30.53
C ILE A 192 -7.86 -18.51 30.57
N VAL A 193 -7.08 -18.72 29.52
N VAL A 193 -7.06 -18.68 29.53
CA VAL A 193 -6.09 -19.82 29.55
CA VAL A 193 -6.13 -19.79 29.44
C VAL A 193 -4.65 -19.34 29.63
C VAL A 193 -4.68 -19.33 29.63
N TYR A 194 -4.34 -18.19 29.07
CA TYR A 194 -3.00 -17.63 29.21
C TYR A 194 -3.04 -16.12 29.41
N LYS A 195 -2.27 -15.64 30.40
CA LYS A 195 -2.14 -14.21 30.63
C LYS A 195 -0.80 -13.74 30.07
N MET A 196 -0.85 -12.81 29.12
CA MET A 196 0.35 -12.29 28.49
C MET A 196 1.25 -11.57 29.50
N GLU A 197 2.56 -11.85 29.43
CA GLU A 197 3.54 -11.10 30.23
C GLU A 197 3.72 -9.70 29.65
N LYS A 198 4.27 -8.79 30.46
CA LYS A 198 4.51 -7.43 29.97
C LYS A 198 5.35 -7.44 28.70
N ASP A 199 6.43 -8.22 28.68
CA ASP A 199 7.35 -8.17 27.56
C ASP A 199 6.83 -8.89 26.32
N GLU A 200 5.69 -9.56 26.48
CA GLU A 200 5.02 -10.19 25.35
C GLU A 200 4.06 -9.24 24.65
N GLN A 201 3.86 -8.06 25.23
CA GLN A 201 3.10 -7.00 24.59
C GLN A 201 1.68 -7.43 24.21
N ILE A 202 1.24 -7.16 22.97
CA ILE A 202 -0.17 -7.39 22.59
C ILE A 202 -0.38 -8.71 21.82
N PRO A 203 -1.22 -9.63 22.36
CA PRO A 203 -1.45 -10.86 21.61
C PRO A 203 -2.22 -10.57 20.33
N ASP A 204 -1.77 -11.14 19.22
CA ASP A 204 -2.34 -10.82 17.91
C ASP A 204 -2.87 -12.11 17.28
N GLY A 205 -2.22 -12.61 16.22
CA GLY A 205 -2.67 -13.85 15.56
C GLY A 205 -2.24 -15.11 16.28
N MET A 206 -2.85 -16.25 15.95
CA MET A 206 -2.60 -17.47 16.72
C MET A 206 -2.91 -18.69 15.89
N CYS A 207 -2.09 -19.72 15.99
CA CYS A 207 -2.42 -21.00 15.36
C CYS A 207 -2.07 -22.18 16.26
N ILE A 208 -2.79 -23.27 16.07
CA ILE A 208 -2.53 -24.46 16.85
C ILE A 208 -1.48 -25.34 16.14
N ASP A 209 -0.75 -26.15 16.91
CA ASP A 209 0.15 -27.13 16.28
C ASP A 209 -0.36 -28.55 16.46
N ALA A 210 0.33 -29.51 15.84
CA ALA A 210 -0.13 -30.90 15.84
C ALA A 210 -0.06 -31.55 17.22
N GLU A 211 0.54 -30.86 18.19
CA GLU A 211 0.59 -31.35 19.56
C GLU A 211 -0.45 -30.66 20.46
N GLY A 212 -1.29 -29.84 19.84
CA GLY A 212 -2.35 -29.16 20.55
C GLY A 212 -1.91 -27.92 21.30
N LYS A 213 -0.70 -27.46 21.04
CA LYS A 213 -0.17 -26.28 21.69
C LYS A 213 -0.43 -25.06 20.80
N LEU A 214 -0.45 -23.87 21.39
CA LEU A 214 -0.83 -22.65 20.67
C LEU A 214 0.36 -21.76 20.41
N TRP A 215 0.47 -21.23 19.20
CA TRP A 215 1.51 -20.26 18.87
C TRP A 215 0.88 -18.91 18.67
N VAL A 216 1.36 -17.91 19.38
CA VAL A 216 0.74 -16.59 19.37
C VAL A 216 1.76 -15.55 18.92
N ALA A 217 1.41 -14.76 17.91
CA ALA A 217 2.26 -13.66 17.48
C ALA A 217 2.07 -12.47 18.42
N CYS A 218 3.17 -11.88 18.84
CA CYS A 218 3.12 -10.81 19.83
C CYS A 218 3.41 -9.47 19.20
N TYR A 219 2.36 -8.69 18.99
CA TYR A 219 2.49 -7.40 18.32
C TYR A 219 3.21 -6.40 19.24
N ASN A 220 4.30 -5.82 18.73
CA ASN A 220 5.24 -4.98 19.48
C ASN A 220 6.26 -5.77 20.30
N GLY A 221 6.06 -7.09 20.36
CA GLY A 221 6.92 -7.97 21.14
C GLY A 221 8.01 -8.66 20.33
N GLY A 222 7.98 -8.48 19.01
CA GLY A 222 8.98 -9.10 18.15
C GLY A 222 9.22 -10.58 18.38
N ARG A 223 8.15 -11.37 18.51
CA ARG A 223 8.32 -12.78 18.82
C ARG A 223 7.04 -13.54 18.55
N VAL A 224 7.17 -14.85 18.44
CA VAL A 224 6.04 -15.75 18.60
C VAL A 224 6.29 -16.55 19.87
N ILE A 225 5.23 -16.86 20.61
CA ILE A 225 5.37 -17.69 21.80
C ILE A 225 4.53 -18.95 21.66
N ARG A 226 5.02 -20.05 22.23
CA ARG A 226 4.28 -21.31 22.24
C ARG A 226 3.68 -21.50 23.62
N LEU A 227 2.37 -21.82 23.68
CA LEU A 227 1.65 -21.89 24.95
C LEU A 227 1.00 -23.25 25.11
N ASP A 228 0.95 -23.75 26.35
CA ASP A 228 0.23 -24.98 26.65
C ASP A 228 -1.12 -24.60 27.25
N PRO A 229 -2.21 -24.81 26.50
CA PRO A 229 -3.52 -24.39 27.01
C PRO A 229 -3.98 -25.27 28.18
N GLU A 230 -3.34 -26.41 28.36
CA GLU A 230 -3.71 -27.31 29.44
C GLU A 230 -3.21 -26.80 30.79
N THR A 231 -2.11 -26.04 30.77
CA THR A 231 -1.47 -25.62 32.01
C THR A 231 -1.44 -24.10 32.17
N GLY A 232 -1.60 -23.38 31.06
CA GLY A 232 -1.56 -21.94 31.10
C GLY A 232 -0.13 -21.43 31.16
N LYS A 233 0.81 -22.28 30.80
CA LYS A 233 2.22 -21.87 30.86
C LYS A 233 2.81 -21.69 29.47
N ARG A 234 3.77 -20.80 29.35
CA ARG A 234 4.53 -20.66 28.11
C ARG A 234 5.58 -21.76 27.98
N LEU A 235 5.68 -22.34 26.79
CA LEU A 235 6.63 -23.43 26.54
C LEU A 235 7.91 -22.94 25.87
N GLN A 236 7.79 -21.90 25.04
CA GLN A 236 8.89 -21.49 24.18
C GLN A 236 8.67 -20.07 23.67
N THR A 237 9.76 -19.36 23.39
CA THR A 237 9.71 -18.05 22.75
C THR A 237 10.69 -18.08 21.58
N VAL A 238 10.26 -17.63 20.41
N VAL A 238 10.25 -17.57 20.42
CA VAL A 238 11.26 -17.37 19.37
CA VAL A 238 11.13 -17.39 19.27
C VAL A 238 11.13 -15.97 18.81
C VAL A 238 11.10 -15.93 18.83
N LYS A 239 12.24 -15.25 18.88
CA LYS A 239 12.29 -13.85 18.53
C LYS A 239 12.56 -13.60 17.05
N LEU A 240 12.10 -12.44 16.59
CA LEU A 240 12.27 -12.00 15.21
C LEU A 240 12.85 -10.59 15.21
N PRO A 241 13.52 -10.20 14.11
CA PRO A 241 14.14 -8.87 14.04
C PRO A 241 13.16 -7.75 13.63
N VAL A 242 11.87 -8.00 13.79
CA VAL A 242 10.85 -6.99 13.58
C VAL A 242 9.92 -7.01 14.78
N ASP A 243 9.53 -5.83 15.29
CA ASP A 243 8.76 -5.77 16.52
C ASP A 243 7.28 -6.02 16.34
N LYS A 244 6.73 -5.56 15.21
CA LYS A 244 5.29 -5.66 15.00
C LYS A 244 4.90 -6.96 14.31
N THR A 245 5.26 -8.06 14.94
CA THR A 245 4.87 -9.39 14.47
C THR A 245 3.36 -9.54 14.66
N THR A 246 2.62 -9.84 13.59
CA THR A 246 1.16 -9.79 13.64
C THR A 246 0.48 -11.15 13.65
N SER A 247 1.00 -12.13 12.91
CA SER A 247 0.33 -13.42 12.89
C SER A 247 1.24 -14.54 12.42
N CYS A 248 0.74 -15.76 12.50
CA CYS A 248 1.54 -16.91 12.10
C CYS A 248 0.65 -18.05 11.63
N CYS A 249 1.22 -18.88 10.76
CA CYS A 249 0.58 -20.14 10.40
C CYS A 249 1.66 -21.14 10.06
N PHE A 250 1.29 -22.41 10.00
CA PHE A 250 2.20 -23.43 9.51
C PHE A 250 1.95 -23.70 8.03
N GLY A 251 3.01 -24.05 7.32
CA GLY A 251 2.91 -24.33 5.90
C GLY A 251 4.07 -25.16 5.40
N GLY A 252 4.23 -25.19 4.08
CA GLY A 252 5.28 -25.96 3.46
C GLY A 252 5.05 -27.45 3.59
N LYS A 253 6.14 -28.21 3.46
CA LYS A 253 6.11 -29.67 3.46
C LYS A 253 5.64 -30.22 4.80
N ASP A 254 4.47 -30.87 4.78
CA ASP A 254 3.90 -31.48 5.97
C ASP A 254 3.68 -30.46 7.11
N TYR A 255 3.45 -29.20 6.74
CA TYR A 255 3.18 -28.14 7.72
C TYR A 255 4.28 -27.99 8.76
N SER A 256 5.52 -28.14 8.30
CA SER A 256 6.67 -28.14 9.18
C SER A 256 7.35 -26.79 9.27
N GLU A 257 6.88 -25.83 8.47
CA GLU A 257 7.49 -24.50 8.46
C GLU A 257 6.48 -23.47 8.95
N MET A 258 6.92 -22.48 9.72
CA MET A 258 6.02 -21.43 10.19
C MET A 258 6.24 -20.15 9.39
N TYR A 259 5.16 -19.56 8.89
CA TYR A 259 5.22 -18.26 8.24
C TYR A 259 4.70 -17.19 9.19
N VAL A 260 5.42 -16.08 9.26
CA VAL A 260 5.08 -15.00 10.18
C VAL A 260 4.94 -13.69 9.41
N THR A 261 3.81 -13.02 9.60
CA THR A 261 3.56 -11.71 8.99
C THR A 261 3.94 -10.60 9.98
N CYS A 262 4.17 -9.40 9.48
CA CYS A 262 4.45 -8.28 10.37
C CYS A 262 4.10 -6.94 9.72
N ALA A 263 4.30 -5.83 10.44
CA ALA A 263 3.84 -4.53 9.98
C ALA A 263 4.94 -3.46 10.06
N ARG A 264 4.87 -2.47 9.19
CA ARG A 264 5.72 -1.28 9.33
C ARG A 264 4.90 -0.06 9.73
N ASP A 265 3.57 -0.14 9.57
CA ASP A 265 2.72 0.93 10.04
C ASP A 265 2.88 1.20 11.55
N GLY A 266 3.04 2.47 11.90
CA GLY A 266 3.20 2.83 13.30
C GLY A 266 4.65 3.05 13.71
N LEU A 267 5.57 2.66 12.82
N LEU A 267 5.57 2.65 12.84
CA LEU A 267 7.01 2.86 13.04
CA LEU A 267 7.00 2.87 13.08
C LEU A 267 7.40 4.27 12.60
C LEU A 267 7.38 4.26 12.61
N ASN A 268 8.16 4.97 13.42
CA ASN A 268 8.69 6.26 13.01
C ASN A 268 9.98 6.06 12.20
N ALA A 269 10.57 7.16 11.72
CA ALA A 269 11.79 7.09 10.92
C ALA A 269 12.88 6.22 11.55
N GLU A 270 13.12 6.45 12.84
CA GLU A 270 14.12 5.66 13.55
C GLU A 270 13.76 4.18 13.61
N GLY A 271 12.48 3.90 13.84
CA GLY A 271 12.00 2.52 13.91
C GLY A 271 12.14 1.78 12.59
N LEU A 272 11.86 2.46 11.49
CA LEU A 272 12.04 1.87 10.16
C LEU A 272 13.50 1.49 9.91
N LEU A 273 14.41 2.36 10.32
CA LEU A 273 15.82 2.10 10.14
C LEU A 273 16.34 0.94 10.99
N ARG A 274 15.84 0.82 12.21
CA ARG A 274 16.19 -0.27 13.10
C ARG A 274 15.62 -1.59 12.60
N GLN A 275 14.52 -1.48 11.86
CA GLN A 275 13.79 -2.66 11.38
C GLN A 275 13.61 -2.65 9.87
N PRO A 276 14.71 -2.85 9.12
CA PRO A 276 14.66 -2.77 7.67
C PRO A 276 13.72 -3.79 7.03
N ASP A 277 13.39 -4.87 7.74
CA ASP A 277 12.51 -5.89 7.19
C ASP A 277 11.06 -5.76 7.68
N ALA A 278 10.74 -4.63 8.31
CA ALA A 278 9.36 -4.39 8.77
C ALA A 278 8.38 -4.51 7.61
N GLY A 279 7.34 -5.32 7.82
CA GLY A 279 6.34 -5.54 6.79
C GLY A 279 6.60 -6.74 5.89
N ASN A 280 7.78 -7.36 6.03
CA ASN A 280 8.10 -8.52 5.20
C ASN A 280 7.55 -9.83 5.75
N ILE A 281 7.61 -10.90 4.97
CA ILE A 281 7.16 -12.20 5.46
C ILE A 281 8.37 -13.00 5.91
N PHE A 282 8.28 -13.61 7.08
CA PHE A 282 9.35 -14.44 7.61
C PHE A 282 8.98 -15.91 7.61
N LYS A 283 9.99 -16.77 7.55
CA LYS A 283 9.77 -18.19 7.71
C LYS A 283 10.64 -18.72 8.83
N ILE A 284 10.05 -19.53 9.70
CA ILE A 284 10.81 -20.13 10.80
C ILE A 284 10.86 -21.63 10.58
N THR A 285 12.07 -22.18 10.53
CA THR A 285 12.25 -23.62 10.37
C THR A 285 12.93 -24.21 11.59
N GLY A 286 12.81 -25.52 11.77
CA GLY A 286 13.46 -26.20 12.88
C GLY A 286 12.75 -26.11 14.22
N LEU A 287 11.47 -25.78 14.22
CA LEU A 287 10.72 -25.66 15.46
C LEU A 287 10.51 -27.00 16.15
N GLY A 288 10.58 -28.09 15.38
CA GLY A 288 10.44 -29.41 15.95
C GLY A 288 9.00 -29.85 16.16
N VAL A 289 8.04 -29.00 15.77
CA VAL A 289 6.63 -29.40 15.68
C VAL A 289 6.10 -29.07 14.30
N LYS A 290 5.08 -29.80 13.88
CA LYS A 290 4.35 -29.45 12.68
C LYS A 290 3.01 -28.84 13.08
N GLY A 291 2.40 -28.11 12.15
CA GLY A 291 1.06 -27.61 12.36
C GLY A 291 0.05 -28.48 11.64
N ILE A 292 -1.13 -27.92 11.39
CA ILE A 292 -2.16 -28.65 10.67
C ILE A 292 -2.69 -27.81 9.49
N ALA A 293 -3.33 -28.48 8.55
CA ALA A 293 -3.87 -27.81 7.37
C ALA A 293 -5.01 -26.88 7.76
N PRO A 294 -5.17 -25.77 7.04
CA PRO A 294 -6.31 -24.90 7.28
C PRO A 294 -7.56 -25.58 6.77
N TYR A 295 -8.70 -25.26 7.38
CA TYR A 295 -9.98 -25.73 6.86
C TYR A 295 -10.48 -24.75 5.81
N SER A 296 -11.32 -25.23 4.89
CA SER A 296 -11.84 -24.39 3.82
C SER A 296 -13.30 -24.07 4.08
N TYR A 297 -13.70 -22.84 3.76
CA TYR A 297 -15.08 -22.40 3.97
C TYR A 297 -16.04 -23.25 3.12
N ALA A 298 -17.16 -23.65 3.72
CA ALA A 298 -18.06 -24.64 3.11
C ALA A 298 -19.23 -24.06 2.33
N GLY A 299 -19.26 -22.74 2.16
CA GLY A 299 -20.32 -22.11 1.38
C GLY A 299 -19.77 -21.36 0.18
N SER B 3 3.71 1.46 -34.94
CA SER B 3 2.38 1.67 -34.36
C SER B 3 2.50 2.00 -32.87
N ILE B 4 1.54 2.76 -32.35
CA ILE B 4 1.51 3.04 -30.93
C ILE B 4 1.12 1.77 -30.18
N LYS B 5 1.91 1.39 -29.18
CA LYS B 5 1.58 0.24 -28.36
C LYS B 5 1.57 0.64 -26.90
N VAL B 6 0.51 0.25 -26.19
CA VAL B 6 0.43 0.49 -24.75
C VAL B 6 0.57 -0.85 -24.06
N GLU B 7 1.54 -0.97 -23.16
CA GLU B 7 1.75 -2.21 -22.43
C GLU B 7 1.78 -1.94 -20.94
N CYS B 8 1.22 -2.85 -20.16
CA CYS B 8 1.39 -2.81 -18.72
C CYS B 8 2.69 -3.54 -18.38
N VAL B 9 3.68 -2.80 -17.88
CA VAL B 9 5.03 -3.36 -17.75
C VAL B 9 5.45 -3.63 -16.31
N LEU B 10 4.74 -3.08 -15.34
CA LEU B 10 5.02 -3.38 -13.95
C LEU B 10 3.73 -3.54 -13.16
N ARG B 11 3.45 -4.77 -12.74
CA ARG B 11 2.15 -5.09 -12.14
C ARG B 11 2.20 -5.21 -10.63
N GLU B 12 2.44 -4.09 -9.95
CA GLU B 12 2.63 -4.11 -8.51
C GLU B 12 1.46 -3.46 -7.76
N ASN B 13 0.48 -2.99 -8.52
CA ASN B 13 -0.78 -2.47 -7.96
C ASN B 13 -0.60 -1.38 -6.89
N TYR B 14 0.12 -0.32 -7.25
CA TYR B 14 0.31 0.80 -6.32
C TYR B 14 -1.03 1.48 -6.03
N ARG B 15 -1.16 2.07 -4.84
CA ARG B 15 -2.39 2.78 -4.52
C ARG B 15 -2.50 4.10 -5.27
N CYS B 16 -1.43 4.88 -5.30
CA CYS B 16 -1.39 6.07 -6.14
C CYS B 16 0.05 6.29 -6.62
N GLY B 17 0.41 5.63 -7.71
CA GLY B 17 1.72 5.81 -8.31
C GLY B 17 1.85 7.24 -8.82
N GLU B 18 3.02 7.84 -8.62
CA GLU B 18 3.26 9.23 -9.02
C GLU B 18 4.75 9.51 -9.27
N SER B 19 5.02 10.68 -9.83
CA SER B 19 6.40 11.17 -10.03
C SER B 19 7.39 10.22 -10.71
N PRO B 20 7.02 9.66 -11.87
CA PRO B 20 7.99 8.81 -12.57
C PRO B 20 9.17 9.65 -13.10
N VAL B 21 10.38 9.12 -12.90
CA VAL B 21 11.62 9.74 -13.36
C VAL B 21 12.54 8.65 -13.91
N TRP B 22 13.09 8.86 -15.10
CA TRP B 22 13.99 7.88 -15.69
C TRP B 22 15.43 8.14 -15.29
N GLU B 23 16.10 7.13 -14.73
CA GLU B 23 17.53 7.25 -14.43
C GLU B 23 18.35 6.45 -15.43
N GLU B 24 18.88 7.13 -16.44
CA GLU B 24 19.63 6.45 -17.50
C GLU B 24 20.83 5.68 -16.97
N ALA B 25 21.47 6.22 -15.93
CA ALA B 25 22.69 5.63 -15.37
C ALA B 25 22.45 4.23 -14.77
N SER B 26 21.23 3.97 -14.33
CA SER B 26 20.88 2.67 -13.76
C SER B 26 19.83 1.93 -14.58
N GLN B 27 19.47 2.51 -15.74
CA GLN B 27 18.33 2.07 -16.55
C GLN B 27 17.16 1.70 -15.64
N SER B 28 16.82 2.60 -14.72
CA SER B 28 15.77 2.36 -13.74
C SER B 28 14.73 3.46 -13.78
N LEU B 29 13.50 3.09 -13.43
CA LEU B 29 12.43 4.08 -13.26
C LEU B 29 12.24 4.31 -11.77
N LEU B 30 12.35 5.57 -11.33
CA LEU B 30 12.01 5.92 -9.97
C LEU B 30 10.63 6.52 -9.95
N PHE B 31 9.91 6.33 -8.84
CA PHE B 31 8.56 6.85 -8.67
C PHE B 31 8.17 6.67 -7.21
N VAL B 32 6.99 7.16 -6.84
CA VAL B 32 6.54 7.03 -5.46
C VAL B 32 5.16 6.39 -5.48
N ASP B 33 4.75 5.81 -4.34
CA ASP B 33 3.34 5.45 -4.15
C ASP B 33 2.91 6.20 -2.90
N ILE B 34 2.17 7.29 -3.10
CA ILE B 34 2.03 8.30 -2.05
C ILE B 34 1.46 7.79 -0.71
N PRO B 35 0.27 7.17 -0.73
CA PRO B 35 -0.22 6.76 0.59
C PRO B 35 0.48 5.52 1.15
N SER B 36 1.27 4.85 0.31
CA SER B 36 2.00 3.69 0.77
C SER B 36 3.33 4.08 1.42
N LYS B 37 3.68 5.36 1.34
CA LYS B 37 4.86 5.90 2.02
C LYS B 37 6.14 5.23 1.55
N ILE B 38 6.23 4.99 0.24
CA ILE B 38 7.43 4.38 -0.32
C ILE B 38 7.95 5.11 -1.54
N ILE B 39 9.27 5.17 -1.65
CA ILE B 39 9.93 5.55 -2.90
C ILE B 39 10.38 4.25 -3.56
N CYS B 40 10.13 4.13 -4.86
CA CYS B 40 10.45 2.90 -5.58
C CYS B 40 11.48 3.14 -6.67
N ARG B 41 12.33 2.14 -6.86
CA ARG B 41 13.28 2.15 -7.96
C ARG B 41 13.19 0.81 -8.68
N TRP B 42 12.66 0.85 -9.89
CA TRP B 42 12.47 -0.35 -10.69
C TRP B 42 13.59 -0.46 -11.71
N ASP B 43 14.45 -1.46 -11.50
CA ASP B 43 15.54 -1.77 -12.43
C ASP B 43 14.94 -2.53 -13.60
N THR B 44 14.90 -1.90 -14.77
CA THR B 44 14.24 -2.48 -15.94
C THR B 44 15.02 -3.62 -16.58
N VAL B 45 16.29 -3.76 -16.20
CA VAL B 45 17.12 -4.83 -16.76
C VAL B 45 16.96 -6.12 -15.96
N SER B 46 17.06 -6.02 -14.64
CA SER B 46 16.85 -7.16 -13.75
C SER B 46 15.37 -7.39 -13.44
N ASN B 47 14.54 -6.39 -13.76
CA ASN B 47 13.12 -6.42 -13.45
C ASN B 47 12.86 -6.60 -11.95
N GLN B 48 13.69 -5.96 -11.13
CA GLN B 48 13.52 -6.00 -9.69
C GLN B 48 13.16 -4.60 -9.16
N VAL B 49 12.28 -4.54 -8.18
CA VAL B 49 11.90 -3.27 -7.57
C VAL B 49 12.47 -3.18 -6.16
N GLN B 50 13.21 -2.10 -5.92
CA GLN B 50 13.66 -1.80 -4.58
C GLN B 50 12.82 -0.67 -4.01
N ARG B 51 12.55 -0.71 -2.71
CA ARG B 51 11.73 0.30 -2.07
C ARG B 51 12.43 0.89 -0.86
N VAL B 52 12.15 2.16 -0.59
CA VAL B 52 12.55 2.78 0.66
C VAL B 52 11.28 3.26 1.34
N ALA B 53 10.99 2.71 2.52
CA ALA B 53 9.83 3.13 3.28
C ALA B 53 10.18 4.32 4.15
N VAL B 54 9.27 5.28 4.21
CA VAL B 54 9.43 6.44 5.09
C VAL B 54 8.20 6.59 5.97
N ASP B 55 8.24 7.53 6.91
CA ASP B 55 7.19 7.58 7.93
C ASP B 55 6.12 8.62 7.64
N ALA B 56 6.05 9.07 6.39
CA ALA B 56 5.06 10.06 6.01
C ALA B 56 4.82 9.91 4.50
N PRO B 57 3.73 10.46 3.98
CA PRO B 57 3.54 10.39 2.52
C PRO B 57 4.71 11.02 1.78
N VAL B 58 5.13 10.39 0.69
CA VAL B 58 6.18 10.95 -0.15
C VAL B 58 5.59 11.15 -1.54
N SER B 59 5.72 12.37 -2.07
CA SER B 59 4.94 12.75 -3.25
C SER B 59 5.75 12.94 -4.53
N SER B 60 7.07 13.10 -4.42
CA SER B 60 7.90 13.21 -5.60
C SER B 60 9.33 12.78 -5.28
N VAL B 61 10.07 12.43 -6.32
CA VAL B 61 11.46 12.00 -6.19
C VAL B 61 12.20 12.55 -7.41
N ALA B 62 13.46 12.89 -7.25
CA ALA B 62 14.27 13.38 -8.35
C ALA B 62 15.71 12.93 -8.16
N LEU B 63 16.50 13.03 -9.23
CA LEU B 63 17.91 12.68 -9.17
C LEU B 63 18.70 13.78 -8.48
N ARG B 64 19.73 13.39 -7.72
CA ARG B 64 20.64 14.35 -7.11
C ARG B 64 22.02 14.18 -7.75
N GLN B 65 22.58 15.26 -8.28
CA GLN B 65 23.81 15.17 -9.06
C GLN B 65 24.97 14.57 -8.27
N LEU B 66 25.11 14.97 -7.01
CA LEU B 66 26.24 14.51 -6.20
C LEU B 66 26.10 13.05 -5.73
N GLY B 67 24.91 12.48 -5.90
CA GLY B 67 24.68 11.10 -5.52
C GLY B 67 23.34 10.89 -4.84
N GLY B 68 22.75 9.71 -5.04
CA GLY B 68 21.46 9.42 -4.46
C GLY B 68 20.38 10.27 -5.07
N TYR B 69 19.38 10.60 -4.26
CA TYR B 69 18.15 11.20 -4.75
C TYR B 69 17.68 12.30 -3.82
N VAL B 70 16.72 13.09 -4.29
CA VAL B 70 16.00 14.01 -3.43
C VAL B 70 14.52 13.64 -3.51
N ALA B 71 13.73 14.07 -2.54
CA ALA B 71 12.32 13.72 -2.47
C ALA B 71 11.58 14.73 -1.63
N THR B 72 10.26 14.83 -1.84
CA THR B 72 9.45 15.69 -1.00
C THR B 72 8.61 14.77 -0.10
N ILE B 73 8.88 14.83 1.19
CA ILE B 73 8.27 13.95 2.17
C ILE B 73 7.58 14.83 3.18
N GLY B 74 6.26 14.67 3.32
CA GLY B 74 5.50 15.62 4.11
C GLY B 74 5.68 17.00 3.49
N THR B 75 6.06 17.98 4.30
CA THR B 75 6.35 19.30 3.78
C THR B 75 7.85 19.60 3.85
N LYS B 76 8.68 18.57 3.68
CA LYS B 76 10.12 18.75 3.68
C LYS B 76 10.77 18.35 2.37
N PHE B 77 11.70 19.19 1.91
CA PHE B 77 12.64 18.83 0.86
C PHE B 77 13.71 17.96 1.52
N CYS B 78 13.87 16.73 1.04
CA CYS B 78 14.79 15.78 1.64
C CYS B 78 15.78 15.20 0.64
N ALA B 79 16.91 14.71 1.16
CA ALA B 79 17.81 13.90 0.35
C ALA B 79 17.73 12.47 0.85
N LEU B 80 17.92 11.52 -0.07
CA LEU B 80 17.92 10.10 0.27
C LEU B 80 19.28 9.48 0.02
N ASN B 81 19.74 8.70 0.99
CA ASN B 81 20.83 7.75 0.79
C ASN B 81 20.16 6.41 0.54
N TRP B 82 20.20 5.95 -0.71
CA TRP B 82 19.42 4.78 -1.10
C TRP B 82 19.86 3.50 -0.39
N GLU B 83 21.17 3.25 -0.39
CA GLU B 83 21.71 2.02 0.21
C GLU B 83 21.38 1.88 1.70
N ASN B 84 21.35 2.99 2.43
CA ASN B 84 21.01 2.98 3.85
C ASN B 84 19.54 3.27 4.13
N GLN B 85 18.76 3.45 3.06
CA GLN B 85 17.39 3.99 3.15
C GLN B 85 17.19 5.11 4.14
N SER B 86 18.12 6.05 4.18
CA SER B 86 18.09 7.11 5.18
C SER B 86 17.73 8.43 4.51
N VAL B 87 17.07 9.30 5.26
N VAL B 87 17.13 9.31 5.31
CA VAL B 87 16.71 10.60 4.71
CA VAL B 87 16.61 10.59 4.84
C VAL B 87 17.28 11.74 5.54
C VAL B 87 17.31 11.74 5.58
N PHE B 88 17.67 12.80 4.84
CA PHE B 88 18.28 13.98 5.43
C PHE B 88 17.46 15.18 4.99
N VAL B 89 17.17 16.09 5.91
CA VAL B 89 16.32 17.23 5.63
C VAL B 89 17.11 18.40 5.04
N LEU B 90 16.70 18.84 3.86
CA LEU B 90 17.37 19.94 3.18
C LEU B 90 16.70 21.26 3.52
N ALA B 91 15.37 21.24 3.60
CA ALA B 91 14.59 22.44 3.93
C ALA B 91 13.15 22.06 4.23
N MET B 92 12.46 22.91 4.99
CA MET B 92 11.05 22.68 5.34
C MET B 92 10.20 23.86 4.90
N VAL B 93 8.96 23.58 4.46
CA VAL B 93 8.03 24.64 4.05
C VAL B 93 6.68 24.42 4.73
N ASP B 94 5.76 25.37 4.55
CA ASP B 94 4.41 25.26 5.10
C ASP B 94 4.38 24.94 6.59
N GLU B 95 5.33 25.54 7.29
CA GLU B 95 5.45 25.47 8.74
C GLU B 95 4.17 25.85 9.47
N ASP B 96 3.42 26.78 8.88
CA ASP B 96 2.23 27.36 9.51
C ASP B 96 0.95 26.60 9.15
N LYS B 97 1.09 25.59 8.30
CA LYS B 97 -0.04 24.79 7.86
C LYS B 97 -0.15 23.51 8.67
N LYS B 98 -1.36 23.17 9.09
CA LYS B 98 -1.59 22.05 9.98
C LYS B 98 -1.55 20.70 9.26
N ASN B 99 -2.12 20.67 8.06
CA ASN B 99 -2.46 19.42 7.41
C ASN B 99 -2.10 19.44 5.92
N ASN B 100 -0.91 19.96 5.61
CA ASN B 100 -0.43 20.03 4.23
C ASN B 100 0.60 18.96 3.92
N ARG B 101 0.80 18.73 2.62
CA ARG B 101 1.92 17.93 2.13
C ARG B 101 2.38 18.47 0.78
N PHE B 102 3.62 18.17 0.39
CA PHE B 102 4.04 18.41 -0.98
C PHE B 102 3.25 17.51 -1.91
N ASN B 103 3.13 17.92 -3.18
CA ASN B 103 2.68 17.01 -4.22
C ASN B 103 3.75 16.89 -5.29
N ASP B 104 3.47 17.31 -6.52
CA ASP B 104 4.42 17.04 -7.59
C ASP B 104 5.61 17.99 -7.57
N GLY B 105 6.74 17.50 -8.08
CA GLY B 105 7.95 18.30 -8.13
C GLY B 105 8.85 17.84 -9.25
N LYS B 106 9.75 18.73 -9.69
CA LYS B 106 10.66 18.40 -10.77
C LYS B 106 11.81 19.40 -10.69
N VAL B 107 13.00 19.00 -11.12
N VAL B 107 12.97 18.99 -11.21
CA VAL B 107 14.10 19.96 -11.08
CA VAL B 107 14.17 19.83 -11.20
C VAL B 107 14.30 20.68 -12.41
C VAL B 107 14.27 20.70 -12.47
N ASP B 108 14.53 21.99 -12.30
CA ASP B 108 14.60 22.91 -13.44
C ASP B 108 15.93 22.80 -14.18
N PRO B 109 16.09 23.50 -15.32
CA PRO B 109 17.32 23.32 -16.09
C PRO B 109 18.59 23.88 -15.43
N ALA B 110 18.45 24.50 -14.26
CA ALA B 110 19.60 25.00 -13.50
C ALA B 110 19.85 24.18 -12.22
N GLY B 111 19.14 23.07 -12.07
CA GLY B 111 19.33 22.22 -10.91
C GLY B 111 18.58 22.61 -9.65
N ARG B 112 17.51 23.39 -9.80
CA ARG B 112 16.68 23.78 -8.66
C ARG B 112 15.49 22.84 -8.59
N TYR B 113 15.14 22.39 -7.37
CA TYR B 113 14.05 21.43 -7.17
C TYR B 113 12.76 22.20 -6.90
N PHE B 114 11.93 22.34 -7.93
CA PHE B 114 10.60 22.97 -7.79
C PHE B 114 9.63 21.93 -7.27
N ALA B 115 8.79 22.32 -6.32
CA ALA B 115 7.73 21.46 -5.83
C ALA B 115 6.69 22.31 -5.13
N GLY B 116 5.42 21.92 -5.23
CA GLY B 116 4.38 22.68 -4.60
C GLY B 116 3.57 21.84 -3.64
N THR B 117 2.80 22.49 -2.80
CA THR B 117 2.06 21.78 -1.76
C THR B 117 0.55 21.81 -1.99
N MET B 118 -0.17 21.22 -1.05
CA MET B 118 -1.63 21.11 -1.10
C MET B 118 -2.09 20.72 0.28
N ALA B 119 -3.36 20.95 0.61
CA ALA B 119 -3.92 20.37 1.82
C ALA B 119 -4.08 18.87 1.62
N GLU B 120 -3.99 18.11 2.70
CA GLU B 120 -4.21 16.67 2.58
C GLU B 120 -5.67 16.36 2.26
N GLU B 121 -5.90 15.42 1.35
CA GLU B 121 -7.25 15.12 0.88
C GLU B 121 -8.03 14.26 1.85
N THR B 122 -9.36 14.30 1.73
CA THR B 122 -10.23 13.38 2.43
C THR B 122 -10.80 12.37 1.43
N ALA B 123 -10.70 12.72 0.15
CA ALA B 123 -11.19 11.90 -0.96
C ALA B 123 -10.52 12.49 -2.20
N PRO B 124 -10.53 11.75 -3.34
CA PRO B 124 -9.84 12.28 -4.52
C PRO B 124 -10.32 13.69 -4.92
N ALA B 125 -9.38 14.62 -4.95
CA ALA B 125 -9.67 16.03 -5.27
C ALA B 125 -10.62 16.71 -4.28
N VAL B 126 -10.80 16.11 -3.11
CA VAL B 126 -11.59 16.75 -2.05
C VAL B 126 -10.70 17.08 -0.85
N LEU B 127 -10.60 18.36 -0.52
CA LEU B 127 -9.61 18.84 0.41
C LEU B 127 -9.91 20.29 0.76
N GLU B 128 -9.22 20.82 1.78
CA GLU B 128 -9.35 22.24 2.09
C GLU B 128 -8.78 23.05 0.94
N ARG B 129 -9.57 23.97 0.41
CA ARG B 129 -9.17 24.67 -0.81
C ARG B 129 -8.07 25.72 -0.60
N HIS B 130 -7.23 25.85 -1.62
CA HIS B 130 -6.26 26.95 -1.73
C HIS B 130 -5.23 27.02 -0.60
N GLN B 131 -4.80 25.86 -0.11
CA GLN B 131 -3.85 25.81 1.01
C GLN B 131 -2.40 25.67 0.55
N GLY B 132 -2.19 25.39 -0.73
CA GLY B 132 -0.86 25.11 -1.22
C GLY B 132 -0.09 26.32 -1.72
N SER B 133 1.20 26.13 -1.95
CA SER B 133 2.05 27.15 -2.55
C SER B 133 3.07 26.46 -3.44
N LEU B 134 3.66 27.19 -4.38
CA LEU B 134 4.75 26.65 -5.18
C LEU B 134 6.08 27.12 -4.60
N TYR B 135 7.03 26.20 -4.45
CA TYR B 135 8.36 26.51 -3.91
C TYR B 135 9.45 26.04 -4.85
N SER B 136 10.66 26.56 -4.68
CA SER B 136 11.80 25.91 -5.30
C SER B 136 12.93 25.86 -4.31
N LEU B 137 13.62 24.73 -4.28
CA LEU B 137 14.80 24.54 -3.45
C LEU B 137 16.02 24.86 -4.31
N PHE B 138 16.78 25.87 -3.91
CA PHE B 138 17.96 26.26 -4.67
C PHE B 138 19.14 25.36 -4.29
N PRO B 139 20.18 25.29 -5.14
CA PRO B 139 21.32 24.42 -4.84
C PRO B 139 22.01 24.74 -3.51
N ASP B 140 21.88 25.97 -3.02
CA ASP B 140 22.48 26.34 -1.74
C ASP B 140 21.57 26.00 -0.56
N HIS B 141 20.46 25.31 -0.86
CA HIS B 141 19.48 24.83 0.13
C HIS B 141 18.52 25.90 0.65
N SER B 142 18.58 27.10 0.09
CA SER B 142 17.59 28.12 0.40
C SER B 142 16.32 27.81 -0.37
N VAL B 143 15.19 28.35 0.10
CA VAL B 143 13.90 28.10 -0.55
C VAL B 143 13.26 29.41 -1.02
N LYS B 144 12.78 29.41 -2.25
CA LYS B 144 12.02 30.53 -2.77
C LYS B 144 10.54 30.16 -2.80
N LYS B 145 9.70 31.07 -2.33
CA LYS B 145 8.25 30.89 -2.41
C LYS B 145 7.69 31.75 -3.54
N TYR B 146 6.95 31.13 -4.45
CA TYR B 146 6.48 31.83 -5.66
C TYR B 146 5.08 32.43 -5.53
N PHE B 147 4.10 31.59 -5.29
CA PHE B 147 2.73 32.06 -5.08
C PHE B 147 2.00 31.09 -4.17
N ASP B 148 0.92 31.56 -3.56
CA ASP B 148 0.10 30.73 -2.70
C ASP B 148 -1.27 30.53 -3.34
N GLN B 149 -2.24 30.13 -2.53
CA GLN B 149 -3.63 29.89 -2.96
C GLN B 149 -3.73 28.73 -3.95
N VAL B 150 -2.75 27.84 -3.93
CA VAL B 150 -2.77 26.68 -4.82
C VAL B 150 -3.69 25.61 -4.24
N ASP B 151 -4.53 25.01 -5.10
CA ASP B 151 -5.36 23.90 -4.64
C ASP B 151 -4.56 22.60 -4.53
N ILE B 152 -4.09 22.12 -5.69
CA ILE B 152 -3.32 20.89 -5.76
C ILE B 152 -2.16 21.12 -6.72
N SER B 153 -0.98 21.40 -6.18
CA SER B 153 0.15 21.67 -7.04
C SER B 153 0.50 20.43 -7.82
N ASN B 154 0.60 20.55 -9.14
CA ASN B 154 0.82 19.34 -9.93
C ASN B 154 1.86 19.47 -11.04
N GLY B 155 1.57 18.93 -12.22
CA GLY B 155 2.59 18.77 -13.25
C GLY B 155 3.27 20.06 -13.67
N LEU B 156 4.54 19.97 -14.02
CA LEU B 156 5.32 21.17 -14.33
C LEU B 156 6.50 20.81 -15.21
N ASP B 157 6.92 21.75 -16.06
CA ASP B 157 8.11 21.53 -16.86
C ASP B 157 8.53 22.86 -17.46
N TRP B 158 9.62 22.85 -18.24
CA TRP B 158 10.18 24.09 -18.80
C TRP B 158 10.37 23.95 -20.30
N SER B 159 10.16 25.03 -21.04
CA SER B 159 10.38 25.00 -22.48
C SER B 159 11.85 24.72 -22.78
N LEU B 160 12.12 24.22 -23.98
N LEU B 160 12.12 24.22 -23.98
CA LEU B 160 13.46 23.84 -24.38
CA LEU B 160 13.46 23.82 -24.36
C LEU B 160 14.41 25.03 -24.50
C LEU B 160 14.41 25.03 -24.48
N ASP B 161 13.85 26.21 -24.73
CA ASP B 161 14.64 27.44 -24.82
C ASP B 161 14.85 28.05 -23.44
N HIS B 162 14.25 27.41 -22.44
CA HIS B 162 14.41 27.77 -21.03
C HIS B 162 13.90 29.16 -20.68
N LYS B 163 12.88 29.62 -21.40
CA LYS B 163 12.29 30.92 -21.15
C LYS B 163 10.85 30.85 -20.66
N ILE B 164 10.27 29.65 -20.70
CA ILE B 164 8.87 29.46 -20.31
C ILE B 164 8.75 28.35 -19.25
N PHE B 165 7.95 28.60 -18.22
CA PHE B 165 7.65 27.61 -17.19
C PHE B 165 6.19 27.20 -17.32
N TYR B 166 5.94 25.90 -17.42
CA TYR B 166 4.57 25.40 -17.56
C TYR B 166 4.11 24.78 -16.25
N TYR B 167 2.85 24.98 -15.89
CA TYR B 167 2.42 24.64 -14.55
C TYR B 167 0.94 24.26 -14.45
N ILE B 168 0.67 23.18 -13.73
CA ILE B 168 -0.70 22.73 -13.50
C ILE B 168 -1.04 22.81 -12.01
N ASP B 169 -2.09 23.57 -11.69
CA ASP B 169 -2.80 23.42 -10.43
C ASP B 169 -4.03 22.62 -10.83
N SER B 170 -4.12 21.39 -10.35
CA SER B 170 -5.13 20.45 -10.85
C SER B 170 -6.56 20.99 -10.84
N LEU B 171 -6.92 21.74 -9.80
CA LEU B 171 -8.31 22.19 -9.70
C LEU B 171 -8.56 23.50 -10.43
N SER B 172 -7.55 24.00 -11.13
CA SER B 172 -7.79 25.06 -12.12
C SER B 172 -8.26 24.45 -13.45
N TYR B 173 -8.01 23.15 -13.59
CA TYR B 173 -8.32 22.39 -14.82
C TYR B 173 -7.71 23.02 -16.07
N THR B 174 -6.50 23.56 -15.91
CA THR B 174 -5.79 24.23 -16.99
C THR B 174 -4.32 23.92 -16.92
N VAL B 175 -3.64 24.04 -18.05
CA VAL B 175 -2.18 24.13 -18.07
C VAL B 175 -1.87 25.62 -18.21
N ASP B 176 -1.07 26.17 -17.29
CA ASP B 176 -0.73 27.60 -17.31
C ASP B 176 0.72 27.77 -17.73
N ALA B 177 1.11 29.00 -18.08
CA ALA B 177 2.51 29.29 -18.37
C ALA B 177 2.93 30.60 -17.76
N PHE B 178 4.23 30.70 -17.48
CA PHE B 178 4.84 31.92 -16.96
C PHE B 178 6.09 32.20 -17.80
N ASP B 179 6.48 33.46 -17.88
CA ASP B 179 7.83 33.75 -18.32
C ASP B 179 8.78 33.29 -17.23
N TYR B 180 9.94 32.75 -17.63
CA TYR B 180 10.86 32.16 -16.67
C TYR B 180 12.29 32.64 -16.95
N ASP B 181 12.99 33.01 -15.89
CA ASP B 181 14.38 33.47 -15.98
C ASP B 181 15.30 32.38 -15.43
N LEU B 182 16.05 31.74 -16.33
CA LEU B 182 16.94 30.63 -15.96
C LEU B 182 18.00 31.03 -14.94
N GLN B 183 18.49 32.26 -15.01
CA GLN B 183 19.55 32.71 -14.11
C GLN B 183 19.11 32.96 -12.68
N THR B 184 17.85 33.36 -12.50
CA THR B 184 17.38 33.72 -11.16
C THR B 184 16.32 32.76 -10.64
N GLY B 185 15.73 31.97 -11.54
CA GLY B 185 14.62 31.12 -11.16
C GLY B 185 13.31 31.87 -10.97
N GLN B 186 13.27 33.14 -11.41
CA GLN B 186 12.05 33.94 -11.30
C GLN B 186 11.02 33.57 -12.37
N ILE B 187 9.75 33.60 -12.01
CA ILE B 187 8.65 33.45 -12.95
C ILE B 187 7.69 34.63 -12.86
N SER B 188 6.99 34.92 -13.95
CA SER B 188 6.08 36.06 -14.01
C SER B 188 5.02 35.92 -15.10
N ASN B 189 3.98 36.75 -15.00
CA ASN B 189 3.01 36.94 -16.08
C ASN B 189 2.18 35.69 -16.41
N ARG B 190 1.52 35.13 -15.40
CA ARG B 190 0.76 33.89 -15.56
C ARG B 190 -0.34 34.01 -16.61
N ARG B 191 -0.40 33.04 -17.52
CA ARG B 191 -1.50 32.95 -18.48
C ARG B 191 -1.93 31.49 -18.64
N ILE B 192 -3.16 31.29 -19.09
CA ILE B 192 -3.64 29.94 -19.39
C ILE B 192 -3.28 29.57 -20.82
N VAL B 193 -2.72 28.38 -21.02
N VAL B 193 -2.72 28.37 -21.00
CA VAL B 193 -2.43 27.95 -22.38
CA VAL B 193 -2.33 27.84 -22.30
C VAL B 193 -3.42 26.88 -22.89
C VAL B 193 -3.41 26.92 -22.85
N TYR B 194 -3.98 26.11 -21.96
CA TYR B 194 -4.95 25.09 -22.37
C TYR B 194 -5.96 24.82 -21.28
N LYS B 195 -7.23 24.80 -21.67
CA LYS B 195 -8.33 24.44 -20.79
C LYS B 195 -8.73 23.00 -21.07
N MET B 196 -8.68 22.15 -20.04
CA MET B 196 -9.03 20.75 -20.23
C MET B 196 -10.49 20.61 -20.65
N GLU B 197 -10.76 19.70 -21.59
CA GLU B 197 -12.12 19.39 -21.99
C GLU B 197 -12.82 18.56 -20.91
N LYS B 198 -14.15 18.50 -20.96
CA LYS B 198 -14.91 17.75 -19.97
C LYS B 198 -14.37 16.35 -19.75
N ASP B 199 -14.21 15.58 -20.83
CA ASP B 199 -13.79 14.20 -20.67
C ASP B 199 -12.30 14.02 -20.39
N GLU B 200 -11.53 15.10 -20.55
CA GLU B 200 -10.11 15.08 -20.19
C GLU B 200 -9.90 15.23 -18.69
N GLN B 201 -10.97 15.62 -18.00
CA GLN B 201 -11.03 15.61 -16.55
C GLN B 201 -9.92 16.43 -15.89
N ILE B 202 -9.20 15.84 -14.93
CA ILE B 202 -8.29 16.65 -14.10
C ILE B 202 -6.84 16.56 -14.56
N PRO B 203 -6.22 17.70 -14.92
CA PRO B 203 -4.82 17.60 -15.34
C PRO B 203 -3.94 17.28 -14.13
N ASP B 204 -2.98 16.38 -14.32
CA ASP B 204 -2.21 15.83 -13.20
C ASP B 204 -0.72 16.05 -13.53
N GLY B 205 0.04 14.99 -13.80
CA GLY B 205 1.45 15.15 -14.17
C GLY B 205 1.66 15.61 -15.61
N MET B 206 2.86 16.09 -15.94
CA MET B 206 3.12 16.65 -17.26
C MET B 206 4.61 16.53 -17.58
N CYS B 207 4.94 16.28 -18.85
CA CYS B 207 6.34 16.38 -19.27
C CYS B 207 6.44 16.97 -20.67
N ILE B 208 7.59 17.59 -20.95
CA ILE B 208 7.83 18.16 -22.27
C ILE B 208 8.46 17.11 -23.16
N ASP B 209 8.29 17.23 -24.48
CA ASP B 209 9.04 16.34 -25.37
C ASP B 209 10.11 17.11 -26.13
N ALA B 210 10.91 16.39 -26.92
CA ALA B 210 12.04 16.98 -27.64
C ALA B 210 11.64 17.99 -28.73
N GLU B 211 10.34 18.05 -29.05
CA GLU B 211 9.83 19.04 -29.99
C GLU B 211 9.14 20.21 -29.30
N GLY B 212 9.24 20.25 -27.97
CA GLY B 212 8.68 21.35 -27.20
C GLY B 212 7.20 21.23 -26.90
N LYS B 213 6.62 20.07 -27.19
CA LYS B 213 5.20 19.85 -26.91
C LYS B 213 5.05 19.26 -25.51
N LEU B 214 3.84 19.36 -24.96
CA LEU B 214 3.61 18.93 -23.58
C LEU B 214 2.71 17.71 -23.56
N TRP B 215 3.08 16.73 -22.74
CA TRP B 215 2.22 15.57 -22.54
C TRP B 215 1.63 15.66 -21.13
N VAL B 216 0.32 15.58 -21.04
CA VAL B 216 -0.36 15.74 -19.75
C VAL B 216 -1.15 14.49 -19.41
N ALA B 217 -0.94 13.97 -18.21
CA ALA B 217 -1.73 12.84 -17.73
C ALA B 217 -3.06 13.34 -17.18
N CYS B 218 -4.14 12.68 -17.58
CA CYS B 218 -5.47 13.15 -17.25
C CYS B 218 -6.11 12.27 -16.19
N TYR B 219 -6.12 12.75 -14.94
CA TYR B 219 -6.67 11.97 -13.84
C TYR B 219 -8.20 11.90 -13.95
N ASN B 220 -8.73 10.67 -13.94
CA ASN B 220 -10.13 10.35 -14.24
C ASN B 220 -10.47 10.40 -15.74
N GLY B 221 -9.48 10.71 -16.57
CA GLY B 221 -9.69 10.81 -18.01
C GLY B 221 -9.14 9.63 -18.76
N GLY B 222 -8.42 8.77 -18.04
CA GLY B 222 -7.84 7.56 -18.61
C GLY B 222 -7.09 7.80 -19.90
N ARG B 223 -6.19 8.78 -19.91
CA ARG B 223 -5.48 9.09 -21.13
C ARG B 223 -4.32 10.02 -20.81
N VAL B 224 -3.40 10.12 -21.77
CA VAL B 224 -2.44 11.21 -21.80
C VAL B 224 -2.75 12.01 -23.07
N ILE B 225 -2.57 13.32 -23.02
CA ILE B 225 -2.84 14.14 -24.21
C ILE B 225 -1.58 14.93 -24.52
N ARG B 226 -1.38 15.23 -25.81
CA ARG B 226 -0.23 16.01 -26.22
C ARG B 226 -0.74 17.38 -26.64
N LEU B 227 -0.13 18.43 -26.10
CA LEU B 227 -0.57 19.80 -26.35
C LEU B 227 0.53 20.61 -27.02
N ASP B 228 0.14 21.50 -27.93
CA ASP B 228 1.09 22.45 -28.51
C ASP B 228 0.96 23.79 -27.79
N PRO B 229 1.95 24.15 -26.96
CA PRO B 229 1.84 25.40 -26.19
C PRO B 229 1.94 26.65 -27.08
N GLU B 230 2.48 26.51 -28.29
CA GLU B 230 2.53 27.63 -29.23
C GLU B 230 1.16 28.00 -29.79
N THR B 231 0.33 26.98 -30.04
CA THR B 231 -0.97 27.18 -30.67
C THR B 231 -2.15 27.00 -29.71
N GLY B 232 -1.91 26.34 -28.59
CA GLY B 232 -2.97 26.04 -27.64
C GLY B 232 -3.85 24.87 -28.05
N LYS B 233 -3.45 24.16 -29.11
CA LYS B 233 -4.26 23.07 -29.63
C LYS B 233 -3.79 21.72 -29.08
N ARG B 234 -4.73 20.81 -28.85
CA ARG B 234 -4.36 19.43 -28.57
C ARG B 234 -3.94 18.74 -29.87
N LEU B 235 -2.82 18.04 -29.81
CA LEU B 235 -2.24 17.39 -30.98
C LEU B 235 -2.62 15.92 -31.06
N GLN B 236 -2.80 15.28 -29.90
CA GLN B 236 -2.93 13.84 -29.86
C GLN B 236 -3.51 13.38 -28.53
N THR B 237 -4.20 12.24 -28.56
CA THR B 237 -4.69 11.60 -27.34
C THR B 237 -4.30 10.13 -27.40
N VAL B 238 -3.78 9.57 -26.31
N VAL B 238 -3.84 9.59 -26.26
CA VAL B 238 -3.73 8.12 -26.26
CA VAL B 238 -3.62 8.16 -26.13
C VAL B 238 -4.36 7.62 -24.97
C VAL B 238 -4.39 7.65 -24.92
N LYS B 239 -5.42 6.83 -25.15
CA LYS B 239 -6.22 6.34 -24.03
C LYS B 239 -5.63 5.06 -23.45
N LEU B 240 -5.83 4.89 -22.15
CA LEU B 240 -5.32 3.75 -21.40
C LEU B 240 -6.49 3.02 -20.76
N PRO B 241 -6.28 1.75 -20.37
CA PRO B 241 -7.36 0.96 -19.78
C PRO B 241 -7.53 1.18 -18.27
N VAL B 242 -7.01 2.29 -17.77
CA VAL B 242 -7.20 2.68 -16.38
C VAL B 242 -7.63 4.15 -16.40
N ASP B 243 -8.51 4.55 -15.48
CA ASP B 243 -9.05 5.91 -15.55
C ASP B 243 -8.19 6.92 -14.82
N LYS B 244 -7.54 6.48 -13.75
CA LYS B 244 -6.81 7.40 -12.90
C LYS B 244 -5.35 7.51 -13.29
N THR B 245 -5.10 7.91 -14.54
CA THR B 245 -3.75 8.15 -15.02
C THR B 245 -3.19 9.36 -14.29
N THR B 246 -2.00 9.25 -13.68
CA THR B 246 -1.53 10.32 -12.80
C THR B 246 -0.36 11.12 -13.36
N SER B 247 0.57 10.46 -14.03
CA SER B 247 1.75 11.19 -14.51
C SER B 247 2.46 10.45 -15.62
N CYS B 248 3.39 11.13 -16.28
CA CYS B 248 4.13 10.53 -17.38
C CYS B 248 5.54 11.11 -17.45
N CYS B 249 6.46 10.32 -17.98
CA CYS B 249 7.79 10.81 -18.30
C CYS B 249 8.32 9.98 -19.45
N PHE B 250 9.37 10.46 -20.11
CA PHE B 250 10.04 9.68 -21.14
C PHE B 250 11.26 8.96 -20.56
N GLY B 251 11.56 7.80 -21.11
CA GLY B 251 12.68 7.02 -20.65
C GLY B 251 13.13 6.02 -21.69
N GLY B 252 13.95 5.07 -21.26
CA GLY B 252 14.46 4.05 -22.15
C GLY B 252 15.51 4.62 -23.08
N LYS B 253 15.85 3.85 -24.10
CA LYS B 253 16.86 4.22 -25.08
C LYS B 253 16.50 5.54 -25.77
N ASP B 254 17.33 6.55 -25.52
CA ASP B 254 17.18 7.85 -26.18
C ASP B 254 15.84 8.52 -25.87
N TYR B 255 15.26 8.15 -24.72
CA TYR B 255 14.02 8.78 -24.26
C TYR B 255 12.85 8.59 -25.23
N SER B 256 12.81 7.42 -25.86
CA SER B 256 11.81 7.16 -26.89
C SER B 256 10.56 6.42 -26.37
N GLU B 257 10.57 6.05 -25.09
CA GLU B 257 9.45 5.33 -24.50
C GLU B 257 8.78 6.20 -23.44
N MET B 258 7.45 6.19 -23.36
CA MET B 258 6.80 6.93 -22.29
C MET B 258 6.35 5.99 -21.17
N TYR B 259 6.68 6.34 -19.93
CA TYR B 259 6.19 5.59 -18.78
C TYR B 259 5.03 6.37 -18.16
N VAL B 260 3.97 5.66 -17.80
CA VAL B 260 2.78 6.29 -17.24
C VAL B 260 2.40 5.64 -15.92
N THR B 261 2.23 6.45 -14.89
CA THR B 261 1.77 5.97 -13.59
C THR B 261 0.26 6.13 -13.48
N CYS B 262 -0.35 5.41 -12.54
CA CYS B 262 -1.78 5.56 -12.30
C CYS B 262 -2.14 5.11 -10.88
N ALA B 263 -3.42 5.28 -10.52
CA ALA B 263 -3.86 5.03 -9.16
C ALA B 263 -5.03 4.06 -9.15
N ARG B 264 -5.21 3.39 -8.01
CA ARG B 264 -6.44 2.64 -7.78
C ARG B 264 -7.27 3.23 -6.64
N ASP B 265 -6.68 4.10 -5.83
CA ASP B 265 -7.43 4.72 -4.75
C ASP B 265 -8.67 5.46 -5.29
N GLY B 266 -9.82 5.25 -4.65
CA GLY B 266 -11.04 5.92 -5.09
C GLY B 266 -11.96 5.04 -5.94
N LEU B 267 -11.41 3.96 -6.48
CA LEU B 267 -12.23 3.04 -7.27
C LEU B 267 -13.03 2.09 -6.38
N ASN B 268 -14.32 1.91 -6.68
CA ASN B 268 -15.08 0.87 -5.98
C ASN B 268 -14.84 -0.51 -6.60
N ALA B 269 -15.50 -1.55 -6.09
CA ALA B 269 -15.24 -2.90 -6.55
C ALA B 269 -15.48 -3.03 -8.05
N GLU B 270 -16.53 -2.38 -8.54
CA GLU B 270 -16.83 -2.43 -9.98
C GLU B 270 -15.72 -1.77 -10.80
N GLY B 271 -15.25 -0.61 -10.34
CA GLY B 271 -14.14 0.06 -11.01
C GLY B 271 -12.89 -0.80 -11.03
N LEU B 272 -12.58 -1.45 -9.91
CA LEU B 272 -11.43 -2.34 -9.83
C LEU B 272 -11.56 -3.54 -10.76
N LEU B 273 -12.77 -4.03 -10.92
N LEU B 273 -12.77 -4.06 -10.89
CA LEU B 273 -13.05 -5.18 -11.77
CA LEU B 273 -13.02 -5.20 -11.78
C LEU B 273 -12.81 -4.82 -13.24
C LEU B 273 -12.80 -4.82 -13.25
N ARG B 274 -13.29 -3.63 -13.63
CA ARG B 274 -13.17 -3.17 -15.00
C ARG B 274 -11.76 -2.70 -15.33
N GLN B 275 -10.99 -2.39 -14.29
CA GLN B 275 -9.62 -1.90 -14.49
C GLN B 275 -8.60 -2.75 -13.73
N PRO B 276 -8.35 -3.98 -14.21
CA PRO B 276 -7.45 -4.87 -13.49
C PRO B 276 -6.03 -4.33 -13.35
N ASP B 277 -5.64 -3.39 -14.20
CA ASP B 277 -4.29 -2.85 -14.12
C ASP B 277 -4.20 -1.52 -13.37
N ALA B 278 -5.27 -1.17 -12.64
CA ALA B 278 -5.26 0.06 -11.83
C ALA B 278 -4.13 0.01 -10.81
N GLY B 279 -3.29 1.05 -10.83
CA GLY B 279 -2.16 1.14 -9.94
C GLY B 279 -0.87 0.66 -10.56
N ASN B 280 -0.95 0.07 -11.74
CA ASN B 280 0.25 -0.46 -12.36
C ASN B 280 1.01 0.59 -13.17
N ILE B 281 2.20 0.25 -13.63
CA ILE B 281 2.96 1.17 -14.48
C ILE B 281 2.84 0.75 -15.95
N PHE B 282 2.56 1.71 -16.82
CA PHE B 282 2.41 1.44 -18.24
C PHE B 282 3.58 1.98 -19.05
N LYS B 283 3.81 1.38 -20.20
CA LYS B 283 4.81 1.91 -21.13
C LYS B 283 4.17 2.12 -22.50
N ILE B 284 4.40 3.28 -23.08
CA ILE B 284 3.88 3.57 -24.40
C ILE B 284 5.01 3.71 -25.40
N THR B 285 5.00 2.86 -26.44
CA THR B 285 6.02 2.92 -27.48
C THR B 285 5.38 3.32 -28.81
N GLY B 286 6.22 3.77 -29.74
CA GLY B 286 5.74 4.15 -31.06
C GLY B 286 5.11 5.53 -31.19
N LEU B 287 5.35 6.40 -30.21
CA LEU B 287 4.77 7.75 -30.25
C LEU B 287 5.37 8.61 -31.35
N GLY B 288 6.56 8.23 -31.81
CA GLY B 288 7.22 8.95 -32.88
C GLY B 288 7.87 10.26 -32.46
N VAL B 289 7.95 10.51 -31.16
CA VAL B 289 8.73 11.63 -30.63
C VAL B 289 9.49 11.14 -29.40
N LYS B 290 10.63 11.76 -29.12
CA LYS B 290 11.38 11.46 -27.91
C LYS B 290 11.19 12.56 -26.89
N GLY B 291 11.47 12.25 -25.63
CA GLY B 291 11.47 13.28 -24.61
C GLY B 291 12.90 13.73 -24.36
N ILE B 292 13.14 14.31 -23.18
CA ILE B 292 14.48 14.73 -22.78
C ILE B 292 14.84 14.20 -21.40
N ALA B 293 16.14 14.22 -21.09
CA ALA B 293 16.60 13.72 -19.80
C ALA B 293 16.12 14.63 -18.66
N PRO B 294 15.85 14.04 -17.49
CA PRO B 294 15.55 14.87 -16.33
C PRO B 294 16.81 15.59 -15.89
N TYR B 295 16.66 16.77 -15.31
CA TYR B 295 17.80 17.46 -14.70
C TYR B 295 17.98 16.94 -13.30
N SER B 296 19.21 17.01 -12.80
CA SER B 296 19.50 16.54 -11.46
C SER B 296 19.63 17.72 -10.50
N TYR B 297 19.15 17.55 -9.27
CA TYR B 297 19.28 18.61 -8.29
C TYR B 297 20.76 18.90 -8.00
N ALA B 298 21.10 20.18 -7.95
CA ALA B 298 22.51 20.61 -7.93
C ALA B 298 23.07 20.84 -6.52
N GLY B 299 22.25 20.61 -5.51
CA GLY B 299 22.67 20.78 -4.13
C GLY B 299 22.76 19.45 -3.40
CA CA C . -4.33 -9.58 13.92
S SO4 D . 2.77 1.56 19.06
O1 SO4 D . 3.48 1.72 17.80
O2 SO4 D . 1.86 2.69 19.25
O3 SO4 D . 2.00 0.31 19.02
O4 SO4 D . 3.70 1.51 20.18
S SO4 E . 11.09 -18.95 27.35
O1 SO4 E . 9.78 -19.04 26.72
O2 SO4 E . 11.74 -17.71 26.91
O3 SO4 E . 10.93 -18.91 28.81
O4 SO4 E . 11.91 -20.10 26.98
C1 ASO F . -8.08 -24.76 27.75
C2 ASO F . -9.51 -24.99 28.20
C3 ASO F . -9.57 -26.32 28.89
C4 ASO F . -9.12 -27.38 27.89
C5 ASO F . -7.68 -27.07 27.45
C6 ASO F . -7.17 -28.08 26.42
O2 ASO F . -9.87 -23.93 29.12
O3 ASO F . -10.91 -26.60 29.28
O4 ASO F . -9.15 -28.69 28.49
O5 ASO F . -7.62 -25.77 26.85
O6 ASO F . -7.99 -28.01 25.24
C1 ASO G . -3.04 -6.00 15.31
C2 ASO G . -4.33 -6.10 14.54
C3 ASO G . -4.30 -5.10 13.39
C4 ASO G . -4.12 -3.72 14.01
C5 ASO G . -2.81 -3.70 14.76
C6 ASO G . -2.62 -2.33 15.39
O2 ASO G . -4.51 -7.42 14.05
O3 ASO G . -5.50 -5.15 12.62
O4 ASO G . -4.08 -2.72 12.99
O5 ASO G . -2.85 -4.66 15.84
O6 ASO G . -2.63 -1.35 14.35
O6 ASO G . -3.65 -2.11 16.33
C1 ASO H . -13.98 -27.81 6.32
C2 ASO H . -13.20 -28.68 5.35
C3 ASO H . -13.93 -28.72 4.04
C4 ASO H . -15.32 -29.30 4.26
C5 ASO H . -16.07 -28.44 5.28
C6 ASO H . -17.47 -29.03 5.53
O2 ASO H . -11.88 -28.08 5.13
O3 ASO H . -13.18 -29.59 3.17
O4 ASO H . -16.04 -29.36 3.00
O5 ASO H . -15.31 -28.38 6.53
O6 ASO H . -17.34 -30.36 6.04
C1 ASO I . -26.17 -31.13 19.16
C2 ASO I . -24.88 -31.91 19.16
C3 ASO I . -25.17 -33.32 18.69
C4 ASO I . -26.15 -33.92 19.65
C5 ASO I . -27.41 -33.09 19.60
C6 ASO I . -28.43 -33.71 20.52
O2 ASO I . -24.06 -31.29 18.19
O3 ASO I . -23.99 -34.13 18.69
O4 ASO I . -26.44 -35.26 19.23
O5 ASO I . -27.15 -31.74 20.04
O6 ASO I . -29.63 -32.93 20.42
CA CA J . 0.27 14.43 -9.38
S SO4 K . 22.77 2.18 -4.92
O1 SO4 K . 23.81 2.07 -5.95
O2 SO4 K . 21.88 3.29 -5.23
O3 SO4 K . 22.00 0.93 -4.88
O4 SO4 K . 23.40 2.41 -3.61
S SO4 L . 25.06 7.33 -6.85
O1 SO4 L . 23.62 7.48 -6.64
O2 SO4 L . 25.49 8.26 -7.91
O3 SO4 L . 25.36 5.97 -7.28
O4 SO4 L . 25.75 7.64 -5.60
S SO4 M . -4.37 5.26 4.32
O1 SO4 M . -5.41 4.82 3.41
O2 SO4 M . -3.87 6.57 3.90
O3 SO4 M . -4.93 5.35 5.67
O4 SO4 M . -3.29 4.28 4.30
S SO4 N . 21.18 29.77 -8.41
O1 SO4 N . 22.41 29.77 -9.20
O2 SO4 N . 20.30 30.85 -8.89
O3 SO4 N . 21.48 29.98 -7.00
O4 SO4 N . 20.53 28.48 -8.60
S SO4 O . 10.50 25.38 -27.08
O1 SO4 O . 11.32 24.80 -28.14
O2 SO4 O . 9.27 25.94 -27.65
O3 SO4 O . 11.22 26.45 -26.38
O4 SO4 O . 10.14 24.32 -26.13
S SO4 P . 10.44 37.97 -7.47
O1 SO4 P . 10.16 38.72 -8.69
O2 SO4 P . 10.80 36.59 -7.81
O3 SO4 P . 9.26 37.96 -6.60
O4 SO4 P . 11.56 38.59 -6.76
S SO4 Q . -7.66 -7.34 -22.17
O1 SO4 Q . -7.10 -8.08 -23.30
O2 SO4 Q . -6.99 -6.05 -22.04
O3 SO4 Q . -9.07 -7.10 -22.39
O4 SO4 Q . -7.47 -8.11 -20.93
S SO4 R . -4.75 8.22 -33.46
O1 SO4 R . -5.33 8.83 -34.66
O2 SO4 R . -3.80 9.15 -32.85
O3 SO4 R . -5.80 7.90 -32.50
O4 SO4 R . -4.04 6.99 -33.84
S SO4 S . -13.07 11.64 -26.68
O1 SO4 S . -14.11 12.25 -27.53
O2 SO4 S . -11.91 11.34 -27.53
O3 SO4 S . -13.58 10.42 -26.07
O4 SO4 S . -12.65 12.61 -25.65
S SO4 T . -7.36 14.00 -30.77
O1 SO4 T . -6.71 13.35 -31.91
O2 SO4 T . -8.04 15.23 -31.21
O3 SO4 T . -8.33 13.10 -30.17
O4 SO4 T . -6.35 14.38 -29.77
S SO4 U . -13.41 9.95 -7.93
O1 SO4 U . -14.51 9.99 -8.90
O2 SO4 U . -12.34 10.84 -8.38
O3 SO4 U . -13.89 10.38 -6.63
O4 SO4 U . -12.92 8.57 -7.83
C1 ASO V . 26.45 6.39 -1.81
C2 ASO V . 25.50 5.25 -1.53
C3 ASO V . 24.19 5.52 -2.22
C4 ASO V . 23.60 6.82 -1.72
C5 ASO V . 24.62 7.94 -1.95
C6 ASO V . 24.07 9.27 -1.41
O2 ASO V . 26.07 4.05 -2.08
O3 ASO V . 23.26 4.46 -1.94
O4 ASO V . 22.33 7.09 -2.38
O5 ASO V . 25.90 7.64 -1.33
O6 ASO V . 25.06 10.29 -1.67
C1 ASO W . -3.43 13.50 -8.25
C2 ASO W . -2.49 14.09 -7.24
C3 ASO W . -2.41 13.20 -6.03
C4 ASO W . -3.81 13.09 -5.47
C5 ASO W . -4.72 12.49 -6.53
C6 ASO W . -6.15 12.40 -6.03
O2 ASO W . -1.22 14.20 -7.86
O3 ASO W . -1.53 13.76 -5.04
O4 ASO W . -3.84 12.25 -4.29
O5 ASO W . -4.75 13.35 -7.69
O6 ASO W . -6.17 11.59 -4.86
O6 ASO W . -6.58 13.74 -5.75
C1 ASO X . -16.01 20.73 -5.06
C2 ASO X . -14.78 20.61 -4.15
C3 ASO X . -13.59 20.25 -4.99
C4 ASO X . -13.85 18.92 -5.69
C5 ASO X . -15.13 18.99 -6.53
C6 ASO X . -15.42 17.62 -7.18
O2 ASO X . -14.51 21.84 -3.43
O3 ASO X . -12.44 20.12 -4.12
O4 ASO X . -12.72 18.55 -6.51
O5 ASO X . -16.23 19.44 -5.72
O6 ASO X . -16.64 17.65 -7.96
C1 ASO Y . 2.90 29.26 -23.81
C2 ASO Y . 3.31 30.65 -23.41
C3 ASO Y . 3.77 31.40 -24.64
C4 ASO Y . 4.93 30.65 -25.25
C5 ASO Y . 4.49 29.22 -25.59
C6 ASO Y . 5.65 28.39 -26.15
O2 ASO Y . 2.15 31.28 -22.83
O3 ASO Y . 4.20 32.71 -24.25
O4 ASO Y . 5.42 31.31 -26.45
O5 ASO Y . 4.01 28.56 -24.41
O6 ASO Y . 6.69 28.27 -25.16
C1 ASO Z . -2.61 29.22 -26.20
C2 ASO Z . -1.23 29.39 -26.85
C3 ASO Z . -1.17 30.73 -27.54
C4 ASO Z . -2.25 30.78 -28.59
C5 ASO Z . -3.60 30.57 -27.92
C6 ASO Z . -4.70 30.59 -28.99
O2 ASO Z . -0.24 29.33 -25.83
O3 ASO Z . 0.10 30.88 -28.17
O4 ASO Z . -2.24 32.05 -29.28
O5 ASO Z . -3.63 29.30 -27.24
O6 ASO Z . -5.95 30.40 -28.32
#